data_6V81
#
_entry.id   6V81
#
_cell.length_a   87.940
_cell.length_b   98.640
_cell.length_c   124.860
_cell.angle_alpha   90.000
_cell.angle_beta   90.000
_cell.angle_gamma   90.000
#
_symmetry.space_group_name_H-M   'P 21 2 21'
#
loop_
_entity.id
_entity.type
_entity.pdbx_description
1 polymer 'Probable TonB-dependent receptor YncD'
2 non-polymer 'octyl beta-D-glucopyranoside'
3 non-polymer 'CALCIUM ION'
#
_entity_poly.entity_id   1
_entity_poly.type   'polypeptide(L)'
_entity_poly.pdbx_seq_one_letter_code
;MKIFSVRQTVLPALLVLSPVVFAADEQTMIVSAAPQVVSELDTPAAVSVVDGEEMRLATPRINLSESLTGVPGLQVQNRQ
NYAQDLQLSIRGFGSRSTYGIRGIRLYVDGIPATMPDGQGQTSNIDLSSVQNVEVLRGPFSALYGNASGGVMNVTTQTGQ
QPPTIEASSYYGSFGSWRYGLKATGATGDGTQPGDVDYTVSTTRFTTHGYRDHSGAQKNLANAKLGVRIDEASKLSLIFN
SVDIKADDPGGLTKAEWKANPQQAPRAEQYDTRKTIKQTQAGLRYERSLSSRDDMSVMMYAGERETTQYQSIPMAPQLNP
SHAGGVITLQRHYQGIDSRWTHRGELGVPVTFTTGLNYENMSENRKGYNNFRLNSGMPEYGQKGELRRDERNLMWNIDPY
LQTQWQLSEKLSLDAGVRYSSVWFDSNDHYVTPGNGDDSGDASYHKWLPAGSLKYAMTDAWNIYLAAGRGFETPTINELS
YRADGQSGMNLGLKPSTNDTIEIGSKTRIGDGLLSLALFQTDTDDEIVVDSSSGGRTTYKNAGKTRRQGAELAWDQRFAG
DFRVNASWTWLDATYRSNVCNEQDCNGNRMPGIARNMGFASIGYVPEDGWYAGTEARYMGDIMADDENTAKAPSYTLVGL
FTGYKYNYHNLTVDLFGRVDNLFDKEYVGSVIVNESNGRYYEPSPGRNYGVGMNIAWRFE
;
_entity_poly.pdbx_strand_id   A
#
# COMPACT_ATOMS: atom_id res chain seq x y z
N GLU A 40 -7.66 -19.63 4.51
CA GLU A 40 -6.92 -18.75 3.62
C GLU A 40 -6.49 -19.44 2.32
N LEU A 41 -7.47 -19.89 1.53
CA LEU A 41 -7.19 -20.65 0.32
C LEU A 41 -7.61 -19.87 -0.91
N ASP A 42 -6.83 -20.00 -1.98
CA ASP A 42 -7.18 -19.40 -3.26
C ASP A 42 -8.37 -20.13 -3.84
N THR A 43 -9.55 -19.55 -3.63
CA THR A 43 -10.78 -20.19 -4.03
C THR A 43 -11.97 -19.22 -3.89
N PRO A 44 -12.07 -18.39 -2.84
CA PRO A 44 -13.27 -17.53 -2.76
C PRO A 44 -13.40 -16.55 -3.92
N ALA A 45 -12.34 -15.79 -4.22
CA ALA A 45 -12.47 -14.73 -5.23
C ALA A 45 -11.07 -14.45 -5.81
N ALA A 46 -10.87 -13.21 -6.26
CA ALA A 46 -9.58 -12.77 -6.82
C ALA A 46 -8.70 -12.32 -5.67
N VAL A 47 -8.17 -13.29 -4.95
CA VAL A 47 -7.36 -13.05 -3.77
C VAL A 47 -6.03 -13.76 -3.99
N SER A 48 -4.94 -13.10 -3.65
CA SER A 48 -3.63 -13.71 -3.79
C SER A 48 -2.84 -13.48 -2.51
N VAL A 49 -2.16 -14.54 -2.07
CA VAL A 49 -1.46 -14.56 -0.79
C VAL A 49 0.01 -14.87 -1.06
N VAL A 50 0.89 -14.08 -0.47
CA VAL A 50 2.34 -14.24 -0.64
C VAL A 50 2.96 -14.55 0.71
N ASP A 51 3.86 -15.54 0.72
CA ASP A 51 4.48 -16.05 1.94
C ASP A 51 5.68 -15.20 2.32
N GLY A 52 5.92 -15.11 3.63
CA GLY A 52 6.95 -14.25 4.15
C GLY A 52 8.34 -14.78 3.98
N GLU A 53 8.57 -16.05 4.34
CA GLU A 53 9.90 -16.61 4.26
C GLU A 53 10.43 -16.60 2.82
N GLU A 54 9.52 -16.54 1.86
CA GLU A 54 9.94 -16.52 0.45
C GLU A 54 10.09 -15.07 0.02
N MET A 55 9.25 -14.21 0.55
CA MET A 55 9.43 -12.77 0.34
C MET A 55 10.67 -12.26 1.04
N ARG A 56 11.34 -13.11 1.80
CA ARG A 56 12.52 -12.78 2.58
C ARG A 56 13.76 -13.46 2.03
N LEU A 57 13.61 -14.22 0.95
CA LEU A 57 14.62 -15.16 0.46
C LEU A 57 15.64 -14.41 -0.38
N ALA A 58 16.85 -14.25 0.15
CA ALA A 58 17.89 -13.49 -0.52
C ALA A 58 17.31 -12.19 -1.04
N THR A 59 16.89 -11.34 -0.10
CA THR A 59 16.36 -10.02 -0.42
C THR A 59 16.81 -9.05 0.65
N PRO A 60 16.98 -7.78 0.31
CA PRO A 60 17.40 -6.78 1.32
C PRO A 60 16.47 -6.73 2.50
N ARG A 61 15.21 -7.12 2.31
CA ARG A 61 14.19 -7.04 3.36
C ARG A 61 13.95 -5.59 3.75
N ILE A 62 13.79 -4.75 2.73
CA ILE A 62 13.61 -3.31 2.91
C ILE A 62 12.24 -2.92 2.36
N ASN A 63 12.06 -3.12 1.06
CA ASN A 63 10.86 -2.66 0.36
C ASN A 63 9.98 -3.82 -0.07
N LEU A 64 8.68 -3.65 0.13
CA LEU A 64 7.71 -4.63 -0.35
C LEU A 64 7.89 -4.88 -1.84
N SER A 65 8.30 -3.86 -2.59
CA SER A 65 8.47 -4.00 -4.02
C SER A 65 9.33 -5.21 -4.37
N GLU A 66 10.43 -5.43 -3.63
CA GLU A 66 11.34 -6.52 -3.96
C GLU A 66 10.69 -7.89 -3.79
N SER A 67 9.57 -7.96 -3.08
CA SER A 67 8.99 -9.24 -2.69
C SER A 67 7.79 -9.60 -3.56
N LEU A 68 6.72 -8.81 -3.44
CA LEU A 68 5.44 -9.11 -4.07
C LEU A 68 5.28 -8.44 -5.43
N THR A 69 6.38 -8.28 -6.16
CA THR A 69 6.32 -7.59 -7.44
C THR A 69 5.57 -8.39 -8.50
N GLY A 70 5.21 -9.64 -8.22
CA GLY A 70 4.59 -10.49 -9.22
C GLY A 70 3.11 -10.76 -9.05
N VAL A 71 2.49 -10.23 -8.01
CA VAL A 71 1.06 -10.47 -7.81
C VAL A 71 0.35 -9.83 -8.99
N PRO A 72 -0.46 -10.57 -9.73
CA PRO A 72 -1.15 -9.99 -10.89
C PRO A 72 -2.16 -8.93 -10.46
N GLY A 73 -2.28 -7.90 -11.28
CA GLY A 73 -3.17 -6.80 -11.00
C GLY A 73 -2.65 -5.82 -9.96
N LEU A 74 -1.58 -6.15 -9.23
CA LEU A 74 -1.02 -5.29 -8.21
C LEU A 74 0.22 -4.62 -8.79
N GLN A 75 0.15 -3.32 -9.03
CA GLN A 75 1.26 -2.57 -9.60
C GLN A 75 2.00 -1.89 -8.46
N VAL A 76 3.19 -2.38 -8.16
CA VAL A 76 4.03 -1.85 -7.09
C VAL A 76 5.39 -1.49 -7.68
N GLN A 77 5.86 -0.29 -7.38
CA GLN A 77 7.17 0.17 -7.84
C GLN A 77 7.85 0.96 -6.75
N ASN A 78 9.14 0.66 -6.53
CA ASN A 78 9.91 1.25 -5.45
C ASN A 78 10.60 2.51 -5.96
N ARG A 79 10.14 3.67 -5.47
CA ARG A 79 10.73 4.95 -5.84
C ARG A 79 12.15 5.13 -5.33
N GLN A 80 12.66 4.23 -4.49
CA GLN A 80 13.96 4.41 -3.85
C GLN A 80 14.10 5.82 -3.30
N ASN A 81 13.04 6.28 -2.64
CA ASN A 81 12.94 7.63 -2.10
C ASN A 81 12.18 7.51 -0.78
N TYR A 82 12.91 7.42 0.32
CA TYR A 82 12.32 7.14 1.62
C TYR A 82 11.73 8.37 2.29
N ALA A 83 11.61 9.47 1.54
CA ALA A 83 10.73 10.57 1.90
C ALA A 83 9.41 10.51 1.15
N GLN A 84 9.06 9.35 0.59
CA GLN A 84 7.82 9.15 -0.14
C GLN A 84 7.44 7.68 -0.03
N ASP A 85 6.27 7.34 -0.56
CA ASP A 85 5.73 5.99 -0.43
C ASP A 85 5.91 5.22 -1.75
N LEU A 86 5.70 3.90 -1.66
CA LEU A 86 5.74 3.06 -2.85
C LEU A 86 4.66 3.49 -3.83
N GLN A 87 4.97 3.43 -5.12
CA GLN A 87 3.94 3.60 -6.14
C GLN A 87 3.12 2.32 -6.13
N LEU A 88 1.98 2.34 -5.44
CA LEU A 88 1.15 1.16 -5.26
C LEU A 88 -0.23 1.42 -5.86
N SER A 89 -0.73 0.43 -6.58
CA SER A 89 -2.09 0.50 -7.11
C SER A 89 -2.59 -0.93 -7.34
N ILE A 90 -3.91 -1.07 -7.36
CA ILE A 90 -4.57 -2.33 -7.64
C ILE A 90 -5.53 -2.07 -8.79
N ARG A 91 -5.29 -2.73 -9.94
CA ARG A 91 -6.16 -2.64 -11.10
C ARG A 91 -6.53 -1.19 -11.39
N GLY A 92 -5.53 -0.31 -11.32
CA GLY A 92 -5.70 1.09 -11.60
C GLY A 92 -6.16 1.94 -10.43
N PHE A 93 -6.57 1.31 -9.32
CA PHE A 93 -7.00 2.06 -8.15
C PHE A 93 -5.79 2.72 -7.48
N GLY A 94 -5.86 4.04 -7.30
CA GLY A 94 -4.78 4.78 -6.66
C GLY A 94 -3.62 5.12 -7.57
N SER A 95 -3.70 4.78 -8.86
CA SER A 95 -2.59 5.07 -9.77
C SER A 95 -2.36 6.57 -9.91
N ARG A 96 -3.44 7.36 -9.94
CA ARG A 96 -3.32 8.79 -10.14
C ARG A 96 -2.67 9.53 -8.97
N SER A 97 -2.45 8.84 -7.85
CA SER A 97 -1.93 9.52 -6.66
C SER A 97 -0.52 10.03 -6.89
N THR A 98 -0.24 11.22 -6.36
CA THR A 98 1.01 11.91 -6.65
C THR A 98 2.08 11.64 -5.60
N TYR A 99 1.75 11.80 -4.31
CA TYR A 99 2.74 11.69 -3.25
C TYR A 99 2.45 10.63 -2.20
N GLY A 100 1.19 10.32 -1.92
CA GLY A 100 0.84 9.22 -1.06
C GLY A 100 0.25 8.07 -1.84
N ILE A 101 -0.27 7.10 -1.11
CA ILE A 101 -1.10 6.05 -1.70
C ILE A 101 -2.55 6.40 -1.42
N ARG A 102 -3.41 6.21 -2.41
CA ARG A 102 -4.81 6.60 -2.31
C ARG A 102 -5.66 5.52 -2.95
N GLY A 103 -6.95 5.54 -2.61
CA GLY A 103 -7.92 4.69 -3.28
C GLY A 103 -7.85 3.21 -2.96
N ILE A 104 -7.00 2.80 -2.02
CA ILE A 104 -6.90 1.40 -1.62
C ILE A 104 -6.87 1.31 -0.10
N ARG A 105 -6.93 0.07 0.40
CA ARG A 105 -6.93 -0.22 1.83
C ARG A 105 -5.71 -1.07 2.18
N LEU A 106 -4.98 -0.64 3.22
CA LEU A 106 -3.80 -1.34 3.70
C LEU A 106 -3.91 -1.51 5.21
N TYR A 107 -3.65 -2.73 5.69
CA TYR A 107 -3.69 -3.05 7.11
C TYR A 107 -2.43 -3.80 7.49
N VAL A 108 -1.74 -3.29 8.50
CA VAL A 108 -0.55 -3.93 9.05
C VAL A 108 -0.96 -4.47 10.42
N ASP A 109 -1.08 -5.80 10.53
CA ASP A 109 -1.50 -6.42 11.77
C ASP A 109 -2.86 -5.89 12.21
N GLY A 110 -3.78 -5.82 11.25
CA GLY A 110 -5.10 -5.29 11.51
C GLY A 110 -5.16 -3.79 11.76
N ILE A 111 -4.03 -3.11 11.83
CA ILE A 111 -4.00 -1.66 12.04
C ILE A 111 -4.09 -0.98 10.67
N PRO A 112 -5.02 -0.05 10.48
CA PRO A 112 -5.17 0.60 9.17
C PRO A 112 -3.97 1.49 8.86
N ALA A 113 -3.47 1.37 7.63
CA ALA A 113 -2.44 2.28 7.15
C ALA A 113 -3.02 3.40 6.30
N THR A 114 -4.22 3.20 5.75
CA THR A 114 -4.93 4.25 5.05
C THR A 114 -5.95 4.88 6.00
N MET A 115 -6.05 6.20 5.94
CA MET A 115 -6.90 6.95 6.84
C MET A 115 -8.33 6.93 6.33
N PRO A 116 -9.27 7.36 7.16
CA PRO A 116 -10.67 7.43 6.69
C PRO A 116 -10.82 8.13 5.36
N ASP A 117 -10.13 9.25 5.16
CA ASP A 117 -10.30 10.02 3.93
C ASP A 117 -9.73 9.30 2.71
N GLY A 118 -9.01 8.20 2.89
CA GLY A 118 -8.48 7.42 1.80
C GLY A 118 -6.97 7.50 1.63
N GLN A 119 -6.33 8.53 2.21
CA GLN A 119 -4.89 8.68 2.08
C GLN A 119 -4.16 7.61 2.90
N GLY A 120 -3.08 7.07 2.33
CA GLY A 120 -2.35 5.99 2.96
C GLY A 120 -0.86 6.18 2.87
N GLN A 121 -0.13 5.29 3.53
CA GLN A 121 1.33 5.35 3.63
C GLN A 121 1.85 3.91 3.67
N THR A 122 3.18 3.78 3.67
CA THR A 122 3.78 2.46 3.50
C THR A 122 5.03 2.22 4.37
N SER A 123 5.45 3.19 5.19
CA SER A 123 6.74 3.08 5.86
C SER A 123 6.75 2.10 7.03
N ASN A 124 5.60 1.59 7.45
CA ASN A 124 5.49 0.85 8.70
C ASN A 124 5.93 -0.60 8.59
N ILE A 125 6.08 -1.15 7.40
CA ILE A 125 6.22 -2.59 7.24
C ILE A 125 7.67 -3.01 7.49
N ASP A 126 7.87 -3.92 8.44
CA ASP A 126 9.16 -4.51 8.76
C ASP A 126 9.22 -5.88 8.09
N LEU A 127 9.95 -5.96 6.97
CA LEU A 127 10.00 -7.19 6.19
C LEU A 127 10.79 -8.30 6.87
N SER A 128 11.54 -8.01 7.92
CA SER A 128 12.30 -9.03 8.64
C SER A 128 11.48 -9.75 9.70
N SER A 129 10.14 -9.60 9.68
CA SER A 129 9.28 -10.24 10.67
C SER A 129 7.84 -10.34 10.18
N VAL A 130 7.64 -10.72 8.93
CA VAL A 130 6.33 -10.75 8.29
C VAL A 130 5.92 -12.20 8.06
N GLN A 131 4.67 -12.54 8.39
CA GLN A 131 4.19 -13.88 8.09
C GLN A 131 3.71 -13.98 6.65
N ASN A 132 2.77 -13.14 6.26
CA ASN A 132 2.22 -13.22 4.92
C ASN A 132 1.59 -11.89 4.55
N VAL A 133 1.35 -11.71 3.25
CA VAL A 133 0.63 -10.55 2.73
C VAL A 133 -0.50 -11.07 1.85
N GLU A 134 -1.73 -10.75 2.21
CA GLU A 134 -2.91 -11.12 1.44
C GLU A 134 -3.42 -9.88 0.72
N VAL A 135 -3.60 -9.98 -0.59
CA VAL A 135 -4.18 -8.91 -1.39
C VAL A 135 -5.52 -9.42 -1.89
N LEU A 136 -6.57 -8.66 -1.62
CA LEU A 136 -7.90 -8.94 -2.13
C LEU A 136 -8.22 -7.88 -3.15
N ARG A 137 -8.23 -8.25 -4.42
CA ARG A 137 -8.61 -7.34 -5.48
C ARG A 137 -9.95 -7.76 -6.04
N GLY A 138 -10.71 -6.78 -6.50
CA GLY A 138 -12.01 -7.02 -7.04
C GLY A 138 -13.11 -6.38 -6.22
N PRO A 139 -14.36 -6.73 -6.51
CA PRO A 139 -15.48 -6.06 -5.85
C PRO A 139 -15.51 -6.25 -4.35
N PHE A 140 -15.10 -7.43 -3.86
CA PHE A 140 -15.19 -7.71 -2.44
C PHE A 140 -14.25 -6.82 -1.62
N SER A 141 -13.23 -6.24 -2.25
CA SER A 141 -12.42 -5.24 -1.55
C SER A 141 -13.29 -4.11 -1.01
N ALA A 142 -14.43 -3.85 -1.66
CA ALA A 142 -15.34 -2.81 -1.20
C ALA A 142 -15.85 -3.06 0.21
N LEU A 143 -15.76 -4.29 0.71
CA LEU A 143 -16.17 -4.55 2.08
C LEU A 143 -15.24 -3.91 3.10
N TYR A 144 -14.08 -3.40 2.67
CA TYR A 144 -13.02 -3.02 3.60
C TYR A 144 -12.84 -1.52 3.70
N GLY A 145 -13.84 -0.73 3.32
CA GLY A 145 -13.85 0.67 3.72
C GLY A 145 -14.38 1.58 2.63
N ASN A 146 -14.08 2.86 2.82
CA ASN A 146 -14.59 3.91 1.95
C ASN A 146 -13.97 3.82 0.56
N ALA A 147 -12.64 3.94 0.50
CA ALA A 147 -11.94 3.93 -0.77
C ALA A 147 -11.18 2.61 -0.88
N SER A 148 -11.92 1.51 -0.96
CA SER A 148 -11.33 0.18 -1.07
C SER A 148 -11.63 -0.34 -2.47
N GLY A 149 -10.73 -0.05 -3.41
CA GLY A 149 -10.82 -0.65 -4.72
C GLY A 149 -10.12 -1.99 -4.66
N GLY A 150 -9.18 -2.09 -3.73
CA GLY A 150 -8.45 -3.31 -3.49
C GLY A 150 -7.81 -3.24 -2.12
N VAL A 151 -7.98 -4.29 -1.33
CA VAL A 151 -7.50 -4.28 0.05
C VAL A 151 -6.31 -5.21 0.19
N MET A 152 -5.31 -4.73 0.93
CA MET A 152 -4.08 -5.47 1.20
C MET A 152 -3.94 -5.62 2.71
N ASN A 153 -3.64 -6.83 3.17
CA ASN A 153 -3.54 -7.11 4.60
C ASN A 153 -2.19 -7.76 4.87
N VAL A 154 -1.38 -7.09 5.68
CA VAL A 154 -0.08 -7.60 6.12
C VAL A 154 -0.22 -8.06 7.56
N THR A 155 0.25 -9.26 7.84
CA THR A 155 0.20 -9.84 9.17
C THR A 155 1.60 -10.30 9.57
N THR A 156 1.91 -10.21 10.85
CA THR A 156 3.26 -10.45 11.35
C THR A 156 3.37 -11.84 11.98
N GLN A 157 4.61 -12.32 12.08
CA GLN A 157 4.88 -13.68 12.54
C GLN A 157 4.35 -13.90 13.95
N THR A 158 3.96 -15.15 14.23
CA THR A 158 3.32 -15.50 15.49
C THR A 158 4.30 -16.02 16.54
N GLY A 159 5.34 -16.73 16.14
CA GLY A 159 6.30 -17.25 17.11
C GLY A 159 5.86 -18.59 17.67
N GLN A 160 6.80 -19.49 17.92
CA GLN A 160 6.45 -20.85 18.32
C GLN A 160 7.70 -21.49 18.94
N GLN A 161 7.60 -22.80 19.22
CA GLN A 161 8.75 -23.52 19.76
C GLN A 161 9.74 -23.82 18.64
N PRO A 162 11.05 -23.67 18.89
CA PRO A 162 11.70 -23.19 20.11
C PRO A 162 11.96 -21.68 20.11
N PRO A 163 12.29 -21.12 21.26
CA PRO A 163 12.76 -19.72 21.28
C PRO A 163 13.99 -19.58 20.41
N THR A 164 13.83 -18.98 19.23
CA THR A 164 14.93 -18.79 18.29
C THR A 164 15.24 -17.31 18.12
N ILE A 165 16.54 -17.02 18.02
CA ILE A 165 17.07 -15.67 17.85
C ILE A 165 17.76 -15.61 16.50
N GLU A 166 17.45 -14.58 15.72
CA GLU A 166 18.02 -14.39 14.40
C GLU A 166 18.69 -13.02 14.32
N ALA A 167 19.87 -13.00 13.72
CA ALA A 167 20.60 -11.78 13.38
C ALA A 167 20.73 -11.74 11.85
N SER A 168 20.05 -10.80 11.23
CA SER A 168 20.05 -10.64 9.79
C SER A 168 20.86 -9.41 9.42
N SER A 169 21.53 -9.49 8.27
CA SER A 169 22.34 -8.38 7.79
C SER A 169 22.32 -8.42 6.27
N TYR A 170 22.34 -7.24 5.66
CA TYR A 170 22.36 -7.10 4.22
C TYR A 170 23.16 -5.85 3.88
N TYR A 171 23.86 -5.90 2.75
CA TYR A 171 24.65 -4.77 2.26
C TYR A 171 24.54 -4.70 0.75
N GLY A 172 24.16 -3.54 0.23
CA GLY A 172 24.01 -3.35 -1.19
C GLY A 172 24.66 -2.05 -1.64
N SER A 173 24.75 -1.92 -2.97
CA SER A 173 25.49 -0.84 -3.59
C SER A 173 24.82 0.50 -3.32
N PHE A 174 25.56 1.57 -3.64
CA PHE A 174 25.19 2.93 -3.31
C PHE A 174 25.17 3.15 -1.80
N GLY A 175 25.96 2.36 -1.07
CA GLY A 175 26.14 2.54 0.35
C GLY A 175 24.92 2.22 1.18
N SER A 176 24.16 1.19 0.80
CA SER A 176 22.99 0.79 1.56
C SER A 176 23.34 -0.40 2.43
N TRP A 177 22.88 -0.38 3.68
CA TRP A 177 23.08 -1.57 4.50
C TRP A 177 22.10 -1.56 5.67
N ARG A 178 21.65 -2.77 6.02
CA ARG A 178 20.58 -2.99 6.96
C ARG A 178 20.96 -4.17 7.84
N TYR A 179 20.51 -4.12 9.10
CA TYR A 179 20.74 -5.22 10.02
C TYR A 179 19.55 -5.29 10.96
N GLY A 180 19.43 -6.41 11.66
CA GLY A 180 18.28 -6.60 12.52
C GLY A 180 18.37 -7.82 13.41
N LEU A 181 17.72 -7.72 14.57
CA LEU A 181 17.63 -8.79 15.54
C LEU A 181 16.17 -9.18 15.71
N LYS A 182 15.89 -10.47 15.71
CA LYS A 182 14.54 -10.97 15.85
C LYS A 182 14.55 -12.13 16.84
N ALA A 183 13.83 -11.96 17.94
CA ALA A 183 13.69 -13.01 18.94
C ALA A 183 12.25 -13.49 18.91
N THR A 184 12.04 -14.80 18.69
CA THR A 184 10.70 -15.33 18.56
C THR A 184 10.58 -16.72 19.17
N GLY A 185 9.57 -16.91 20.00
CA GLY A 185 9.39 -18.18 20.68
C GLY A 185 8.03 -18.31 21.33
N ALA A 186 7.88 -19.35 22.14
CA ALA A 186 6.63 -19.62 22.83
C ALA A 186 6.88 -20.35 24.14
N THR A 187 5.96 -20.17 25.08
CA THR A 187 6.03 -20.82 26.38
C THR A 187 5.40 -22.21 26.39
N GLY A 188 4.53 -22.50 25.44
CA GLY A 188 3.89 -23.81 25.41
C GLY A 188 3.54 -24.28 24.03
N ASP A 189 2.79 -25.39 23.98
CA ASP A 189 2.39 -26.01 22.73
C ASP A 189 1.31 -25.18 22.02
N GLY A 190 1.11 -25.49 20.75
CA GLY A 190 0.12 -24.81 19.94
C GLY A 190 -0.28 -25.61 18.71
N GLN A 192 -3.68 -23.79 24.53
CA GLN A 192 -3.85 -24.18 25.93
C GLN A 192 -3.70 -22.97 26.83
N PRO A 193 -4.57 -22.82 27.84
CA PRO A 193 -4.47 -21.64 28.71
C PRO A 193 -3.08 -21.49 29.30
N GLY A 194 -2.68 -20.24 29.51
CA GLY A 194 -1.37 -19.91 30.00
C GLY A 194 -0.26 -19.96 28.98
N ASP A 195 -0.49 -20.56 27.81
CA ASP A 195 0.53 -20.67 26.78
C ASP A 195 0.73 -19.32 26.11
N VAL A 196 1.93 -18.76 26.22
CA VAL A 196 2.22 -17.44 25.68
C VAL A 196 3.20 -17.57 24.52
N ASP A 197 3.19 -16.56 23.64
CA ASP A 197 4.03 -16.52 22.45
C ASP A 197 4.54 -15.11 22.20
N TYR A 198 5.76 -15.01 21.69
CA TYR A 198 6.43 -13.72 21.55
C TYR A 198 7.20 -13.64 20.24
N THR A 199 7.21 -12.45 19.65
CA THR A 199 8.06 -12.18 18.49
C THR A 199 8.42 -10.70 18.51
N VAL A 200 9.69 -10.39 18.69
CA VAL A 200 10.20 -9.03 18.64
C VAL A 200 11.20 -8.93 17.49
N SER A 201 11.17 -7.80 16.78
CA SER A 201 12.12 -7.57 15.70
C SER A 201 12.51 -6.10 15.72
N THR A 202 13.80 -5.87 15.54
CA THR A 202 14.35 -4.53 15.39
C THR A 202 15.25 -4.57 14.16
N THR A 203 15.20 -3.49 13.39
CA THR A 203 16.06 -3.37 12.22
C THR A 203 16.49 -1.93 12.08
N ARG A 204 17.68 -1.74 11.52
CA ARG A 204 18.23 -0.42 11.25
C ARG A 204 18.81 -0.45 9.85
N PHE A 205 18.49 0.56 9.05
CA PHE A 205 18.88 0.62 7.65
C PHE A 205 19.35 2.03 7.32
N THR A 206 20.42 2.13 6.56
CA THR A 206 20.92 3.43 6.13
C THR A 206 21.48 3.35 4.71
N THR A 207 21.29 4.42 3.94
CA THR A 207 21.73 4.45 2.55
C THR A 207 22.31 5.82 2.22
N HIS A 208 23.30 5.81 1.32
CA HIS A 208 23.88 7.04 0.81
C HIS A 208 23.25 7.45 -0.52
N GLY A 209 22.25 6.70 -0.99
CA GLY A 209 21.45 7.12 -2.12
C GLY A 209 22.17 6.95 -3.44
N TYR A 210 21.49 6.36 -4.42
CA TYR A 210 22.05 6.26 -5.76
C TYR A 210 22.20 7.64 -6.38
N ARG A 211 21.17 8.47 -6.30
CA ARG A 211 21.17 9.81 -6.87
C ARG A 211 21.38 10.87 -5.80
N ASP A 212 21.89 12.01 -6.23
CA ASP A 212 22.28 13.06 -5.30
C ASP A 212 21.12 13.41 -4.37
N HIS A 213 21.47 13.73 -3.13
CA HIS A 213 20.50 14.12 -2.11
C HIS A 213 19.36 13.11 -2.03
N SER A 214 19.74 11.89 -1.66
CA SER A 214 18.78 10.80 -1.52
C SER A 214 19.08 9.90 -0.32
N GLY A 215 20.16 10.16 0.42
CA GLY A 215 20.47 9.30 1.55
C GLY A 215 19.37 9.34 2.59
N ALA A 216 19.07 8.17 3.15
CA ALA A 216 18.00 8.03 4.13
C ALA A 216 18.48 7.19 5.30
N GLN A 217 17.73 7.25 6.40
CA GLN A 217 18.04 6.52 7.62
C GLN A 217 16.71 6.07 8.22
N LYS A 218 16.52 4.76 8.39
CA LYS A 218 15.23 4.20 8.78
C LYS A 218 15.41 3.10 9.82
N ASN A 219 14.77 3.26 10.98
CA ASN A 219 14.83 2.28 12.07
C ASN A 219 13.43 1.76 12.38
N LEU A 220 13.31 0.44 12.42
CA LEU A 220 12.05 -0.24 12.64
C LEU A 220 12.10 -1.04 13.93
N ALA A 221 11.00 -0.98 14.68
CA ALA A 221 10.78 -1.82 15.85
C ALA A 221 9.36 -2.35 15.74
N ASN A 222 9.23 -3.67 15.71
CA ASN A 222 7.93 -4.32 15.54
C ASN A 222 7.85 -5.51 16.48
N ALA A 223 6.87 -5.50 17.38
CA ALA A 223 6.71 -6.55 18.36
C ALA A 223 5.26 -7.04 18.35
N LYS A 224 5.09 -8.35 18.58
CA LYS A 224 3.78 -8.98 18.67
C LYS A 224 3.81 -10.05 19.75
N LEU A 225 2.84 -9.98 20.67
CA LEU A 225 2.77 -10.88 21.82
C LEU A 225 1.36 -11.42 22.00
N GLY A 226 1.28 -12.69 22.43
CA GLY A 226 0.00 -13.34 22.61
C GLY A 226 -0.10 -14.21 23.85
N VAL A 227 -1.27 -14.22 24.49
CA VAL A 227 -1.51 -14.99 25.70
C VAL A 227 -2.84 -15.70 25.55
N ARG A 228 -2.86 -17.02 25.81
CA ARG A 228 -4.09 -17.80 25.75
C ARG A 228 -4.84 -17.65 27.07
N ILE A 229 -5.88 -16.82 27.08
CA ILE A 229 -6.69 -16.64 28.28
C ILE A 229 -7.36 -17.95 28.67
N ASP A 230 -8.05 -18.58 27.73
CA ASP A 230 -8.69 -19.86 27.96
C ASP A 230 -8.97 -20.50 26.61
N GLU A 231 -9.44 -21.74 26.64
CA GLU A 231 -9.80 -22.44 25.41
C GLU A 231 -11.32 -22.33 25.18
N SER A 233 -10.75 -18.50 23.96
CA SER A 233 -10.49 -17.09 24.23
C SER A 233 -8.98 -16.78 24.27
N LYS A 234 -8.54 -15.95 23.32
CA LYS A 234 -7.14 -15.60 23.14
C LYS A 234 -7.00 -14.09 22.92
N LEU A 235 -5.79 -13.59 23.16
CA LEU A 235 -5.50 -12.16 23.17
C LEU A 235 -4.16 -11.89 22.48
N SER A 236 -4.00 -10.65 22.00
CA SER A 236 -2.77 -10.27 21.30
C SER A 236 -2.52 -8.78 21.37
N LEU A 237 -1.24 -8.41 21.41
CA LEU A 237 -0.79 -7.02 21.40
C LEU A 237 0.19 -6.80 20.26
N ILE A 238 0.10 -5.64 19.62
CA ILE A 238 0.99 -5.24 18.54
C ILE A 238 1.64 -3.92 18.93
N PHE A 239 2.95 -3.82 18.69
CA PHE A 239 3.67 -2.57 18.83
C PHE A 239 4.51 -2.33 17.59
N ASN A 240 4.23 -1.23 16.88
CA ASN A 240 4.93 -0.83 15.67
C ASN A 240 5.63 0.51 15.91
N SER A 241 6.83 0.67 15.34
CA SER A 241 7.54 1.94 15.48
C SER A 241 8.44 2.16 14.28
N VAL A 242 8.33 3.33 13.68
CA VAL A 242 9.13 3.73 12.52
C VAL A 242 9.78 5.07 12.81
N ASP A 243 11.01 5.24 12.31
CA ASP A 243 11.79 6.46 12.51
C ASP A 243 12.65 6.67 11.27
N ILE A 244 12.23 7.60 10.41
CA ILE A 244 12.88 7.88 9.13
C ILE A 244 13.37 9.32 9.13
N LYS A 245 14.54 9.54 8.52
CA LYS A 245 15.10 10.89 8.33
C LYS A 245 15.76 10.84 6.96
N ALA A 246 14.94 11.01 5.93
CA ALA A 246 15.37 10.81 4.55
C ALA A 246 15.43 12.14 3.81
N ASP A 247 16.32 12.20 2.84
CA ASP A 247 16.37 13.33 1.91
C ASP A 247 15.58 12.96 0.67
N ASP A 248 14.61 13.80 0.31
CA ASP A 248 13.76 13.57 -0.86
C ASP A 248 14.49 14.10 -2.09
N PRO A 249 14.97 13.22 -2.98
CA PRO A 249 15.63 13.72 -4.19
C PRO A 249 14.73 14.53 -5.08
N GLY A 250 13.44 14.20 -5.14
CA GLY A 250 12.53 14.88 -6.02
C GLY A 250 12.54 14.28 -7.40
N GLY A 251 11.79 14.92 -8.30
CA GLY A 251 11.66 14.46 -9.66
C GLY A 251 12.51 15.26 -10.64
N LEU A 252 12.58 14.73 -11.87
CA LEU A 252 13.37 15.31 -12.95
C LEU A 252 12.52 15.45 -14.21
N THR A 253 12.67 16.57 -14.90
CA THR A 253 11.93 16.77 -16.14
C THR A 253 12.59 16.00 -17.27
N LYS A 254 11.80 15.72 -18.32
CA LYS A 254 12.29 14.92 -19.44
C LYS A 254 13.68 15.38 -19.88
N ALA A 255 13.83 16.67 -20.18
CA ALA A 255 15.12 17.20 -20.56
C ALA A 255 16.18 16.95 -19.48
N GLU A 256 15.79 17.15 -18.22
CA GLU A 256 16.75 16.98 -17.12
C GLU A 256 17.15 15.52 -16.95
N TRP A 257 16.20 14.59 -17.13
CA TRP A 257 16.52 13.17 -16.97
C TRP A 257 17.38 12.68 -18.12
N LYS A 258 17.03 13.05 -19.35
CA LYS A 258 17.84 12.69 -20.50
C LYS A 258 19.26 13.24 -20.34
N ALA A 259 19.39 14.51 -19.97
CA ALA A 259 20.71 15.12 -19.80
C ALA A 259 21.55 14.31 -18.80
N ASN A 260 21.08 14.21 -17.56
CA ASN A 260 21.80 13.51 -16.48
C ASN A 260 20.79 12.75 -15.64
N PRO A 261 21.04 11.46 -15.34
CA PRO A 261 20.03 10.68 -14.60
C PRO A 261 20.04 10.85 -13.09
N GLN A 262 21.20 11.08 -12.49
CA GLN A 262 21.28 11.20 -11.03
C GLN A 262 21.13 12.63 -10.54
N GLN A 263 20.75 13.56 -11.41
CA GLN A 263 20.74 14.99 -11.06
C GLN A 263 19.56 15.32 -10.16
N ALA A 264 19.80 16.18 -9.17
CA ALA A 264 18.76 16.64 -8.24
C ALA A 264 18.97 18.13 -7.99
N PRO A 265 18.55 18.98 -8.93
CA PRO A 265 18.97 20.39 -8.89
C PRO A 265 18.41 21.15 -7.70
N ARG A 266 17.08 21.08 -7.52
CA ARG A 266 16.44 21.78 -6.43
C ARG A 266 16.63 21.09 -5.09
N ALA A 267 17.05 19.83 -5.10
CA ALA A 267 17.16 19.06 -3.86
C ALA A 267 18.03 19.77 -2.84
N GLU A 268 19.25 20.14 -3.22
CA GLU A 268 20.11 20.87 -2.29
C GLU A 268 19.80 22.35 -2.27
N GLN A 269 19.12 22.87 -3.30
CA GLN A 269 18.73 24.27 -3.29
C GLN A 269 17.78 24.56 -2.12
N TYR A 270 16.80 23.68 -1.90
CA TYR A 270 15.85 23.85 -0.81
C TYR A 270 16.02 22.81 0.31
N ASP A 271 16.98 21.90 0.19
CA ASP A 271 17.20 20.84 1.19
C ASP A 271 15.98 19.93 1.30
N THR A 272 15.34 19.64 0.17
CA THR A 272 14.14 18.81 0.14
C THR A 272 14.38 17.54 0.94
N ARG A 273 13.62 17.37 2.01
CA ARG A 273 13.80 16.20 2.86
C ARG A 273 12.59 16.04 3.75
N LYS A 274 12.42 14.84 4.28
CA LYS A 274 11.34 14.54 5.18
C LYS A 274 11.90 13.77 6.36
N THR A 275 11.14 13.83 7.46
CA THR A 275 11.46 13.10 8.68
C THR A 275 10.14 12.59 9.23
N ILE A 276 10.03 11.28 9.42
CA ILE A 276 8.80 10.60 9.79
C ILE A 276 9.05 9.84 11.09
N LYS A 277 8.07 9.85 11.99
CA LYS A 277 8.15 9.12 13.24
C LYS A 277 6.75 8.65 13.57
N GLN A 278 6.60 7.36 13.90
CA GLN A 278 5.27 6.84 14.13
C GLN A 278 5.33 5.64 15.06
N THR A 279 4.36 5.55 15.96
CA THR A 279 4.22 4.40 16.84
C THR A 279 2.75 4.02 16.89
N GLN A 280 2.51 2.71 16.84
CA GLN A 280 1.17 2.14 16.83
C GLN A 280 1.09 1.07 17.90
N ALA A 281 -0.03 1.05 18.62
CA ALA A 281 -0.32 0.00 19.58
C ALA A 281 -1.68 -0.58 19.23
N GLY A 282 -1.74 -1.89 19.10
CA GLY A 282 -2.99 -2.56 18.77
C GLY A 282 -3.25 -3.70 19.74
N LEU A 283 -4.53 -4.03 19.89
CA LEU A 283 -4.95 -5.07 20.81
C LEU A 283 -6.13 -5.83 20.21
N ARG A 284 -6.04 -7.15 20.22
CA ARG A 284 -7.02 -8.02 19.58
C ARG A 284 -7.44 -9.14 20.52
N TYR A 285 -8.74 -9.42 20.56
CA TYR A 285 -9.32 -10.47 21.40
C TYR A 285 -10.22 -11.33 20.54
N GLU A 286 -10.16 -12.64 20.80
CA GLU A 286 -10.98 -13.60 20.04
C GLU A 286 -11.50 -14.66 21.01
N ARG A 287 -12.70 -15.16 20.76
CA ARG A 287 -13.30 -16.15 21.64
C ARG A 287 -14.34 -16.93 20.85
N SER A 288 -14.37 -18.25 21.06
CA SER A 288 -15.36 -19.12 20.42
C SER A 288 -16.54 -19.25 21.38
N LEU A 289 -17.61 -18.51 21.10
CA LEU A 289 -18.80 -18.58 21.93
C LEU A 289 -19.48 -19.93 21.76
N SER A 290 -20.06 -20.18 20.59
CA SER A 290 -20.77 -21.42 20.34
C SER A 290 -19.84 -22.42 19.66
N SER A 291 -20.33 -23.65 19.52
CA SER A 291 -19.64 -24.65 18.74
C SER A 291 -19.60 -24.30 17.25
N ARG A 292 -20.46 -23.38 16.81
CA ARG A 292 -20.59 -23.01 15.41
C ARG A 292 -20.61 -21.49 15.23
N ASP A 293 -20.24 -20.74 16.26
CA ASP A 293 -20.33 -19.28 16.22
C ASP A 293 -19.12 -18.71 16.96
N ASP A 294 -18.32 -17.93 16.23
CA ASP A 294 -17.12 -17.28 16.72
C ASP A 294 -17.32 -15.76 16.68
N MET A 295 -16.41 -15.04 17.32
CA MET A 295 -16.50 -13.58 17.36
C MET A 295 -15.17 -12.99 17.83
N SER A 296 -14.88 -11.78 17.36
CA SER A 296 -13.60 -11.13 17.64
C SER A 296 -13.77 -9.61 17.69
N VAL A 297 -12.78 -8.94 18.30
CA VAL A 297 -12.73 -7.49 18.34
C VAL A 297 -11.27 -7.04 18.30
N MET A 298 -11.02 -5.95 17.58
CA MET A 298 -9.68 -5.42 17.34
C MET A 298 -9.72 -3.91 17.52
N MET A 299 -8.84 -3.37 18.34
CA MET A 299 -8.75 -1.93 18.52
C MET A 299 -7.29 -1.50 18.45
N TYR A 300 -7.10 -0.28 17.96
CA TYR A 300 -5.78 0.25 17.69
C TYR A 300 -5.73 1.69 18.14
N ALA A 301 -4.55 2.10 18.61
CA ALA A 301 -4.22 3.49 18.89
C ALA A 301 -2.85 3.78 18.29
N GLY A 302 -2.69 4.96 17.70
CA GLY A 302 -1.42 5.32 17.10
C GLY A 302 -1.28 6.81 16.92
N GLU A 303 -0.03 7.22 16.73
CA GLU A 303 0.34 8.63 16.57
C GLU A 303 1.37 8.75 15.47
N ARG A 304 1.13 9.62 14.49
CA ARG A 304 2.07 9.90 13.43
C ARG A 304 2.50 11.37 13.48
N GLU A 305 3.76 11.62 13.11
CA GLU A 305 4.30 12.99 13.10
C GLU A 305 5.31 13.12 11.97
N THR A 306 5.10 14.11 11.09
CA THR A 306 5.90 14.27 9.88
C THR A 306 6.25 15.73 9.62
N THR A 307 7.39 15.94 8.96
CA THR A 307 7.84 17.23 8.49
C THR A 307 8.33 17.08 7.05
N GLN A 308 7.82 17.91 6.15
CA GLN A 308 8.19 17.88 4.74
C GLN A 308 8.68 19.26 4.35
N TYR A 309 9.93 19.35 3.91
CA TYR A 309 10.48 20.57 3.35
C TYR A 309 10.35 20.46 1.83
N GLN A 310 9.51 21.31 1.25
CA GLN A 310 9.26 21.27 -0.19
C GLN A 310 10.22 22.19 -0.93
N SER A 311 10.29 22.02 -2.24
CA SER A 311 11.09 22.87 -3.12
C SER A 311 10.29 24.00 -3.73
N ILE A 312 9.45 24.67 -2.94
CA ILE A 312 8.59 25.74 -3.46
C ILE A 312 9.40 27.03 -3.50
N PRO A 313 9.39 27.77 -4.64
CA PRO A 313 10.21 28.99 -4.72
C PRO A 313 9.71 30.10 -3.81
N MET A 314 10.43 31.22 -3.78
CA MET A 314 10.06 32.29 -2.86
C MET A 314 8.92 33.14 -3.39
N ALA A 315 8.83 33.34 -4.70
CA ALA A 315 7.80 34.22 -5.25
C ALA A 315 6.40 33.78 -4.87
N PRO A 316 5.96 32.57 -5.18
CA PRO A 316 4.55 32.22 -4.92
C PRO A 316 4.17 32.31 -3.45
N GLN A 317 5.13 32.14 -2.54
CA GLN A 317 4.82 32.18 -1.12
C GLN A 317 4.54 33.59 -0.61
N LEU A 318 4.83 34.62 -1.41
CA LEU A 318 4.63 35.99 -0.95
C LEU A 318 3.15 36.36 -0.89
N ASN A 319 2.32 35.70 -1.68
CA ASN A 319 0.88 35.94 -1.62
C ASN A 319 0.38 35.54 -0.23
N PRO A 320 -0.32 36.42 0.48
CA PRO A 320 -0.71 36.09 1.86
C PRO A 320 -1.56 34.84 1.98
N SER A 321 -2.15 34.36 0.90
CA SER A 321 -2.98 33.16 0.95
C SER A 321 -2.18 31.87 0.79
N HIS A 322 -0.88 31.96 0.58
CA HIS A 322 -0.05 30.78 0.35
C HIS A 322 0.20 30.05 1.67
N ALA A 323 0.36 28.72 1.57
CA ALA A 323 0.53 27.87 2.74
C ALA A 323 1.99 27.68 3.15
N GLY A 324 2.94 28.07 2.30
CA GLY A 324 4.36 27.97 2.60
C GLY A 324 5.03 26.86 1.82
N GLY A 325 6.25 26.54 2.26
CA GLY A 325 7.04 25.50 1.63
C GLY A 325 7.39 24.37 2.57
N VAL A 326 6.96 24.47 3.83
CA VAL A 326 7.17 23.42 4.83
C VAL A 326 5.81 22.98 5.36
N ILE A 327 5.58 21.67 5.37
CA ILE A 327 4.34 21.07 5.85
C ILE A 327 4.65 20.27 7.11
N THR A 328 3.94 20.55 8.19
CA THR A 328 4.09 19.84 9.46
C THR A 328 2.77 19.17 9.81
N LEU A 329 2.80 17.89 10.18
CA LEU A 329 1.58 17.14 10.42
C LEU A 329 1.72 16.32 11.70
N GLN A 330 0.80 16.50 12.65
CA GLN A 330 0.77 15.72 13.89
C GLN A 330 -0.63 15.12 14.05
N ARG A 331 -0.75 13.81 13.82
CA ARG A 331 -2.06 13.17 13.84
C ARG A 331 -2.11 12.03 14.86
N HIS A 332 -3.27 11.89 15.48
CA HIS A 332 -3.61 10.77 16.34
C HIS A 332 -4.70 9.98 15.63
N TYR A 333 -4.55 8.67 15.56
CA TYR A 333 -5.58 7.83 14.99
C TYR A 333 -5.91 6.70 15.96
N GLN A 334 -7.17 6.28 15.95
CA GLN A 334 -7.62 5.20 16.80
C GLN A 334 -8.85 4.57 16.16
N GLY A 335 -9.08 3.31 16.50
CA GLY A 335 -10.26 2.66 15.96
C GLY A 335 -10.57 1.36 16.64
N ILE A 336 -11.76 0.84 16.32
CA ILE A 336 -12.30 -0.37 16.93
C ILE A 336 -13.19 -1.07 15.91
N ASP A 337 -12.99 -2.39 15.77
CA ASP A 337 -13.64 -3.22 14.77
C ASP A 337 -14.16 -4.46 15.46
N SER A 338 -15.46 -4.73 15.31
CA SER A 338 -16.12 -5.87 15.94
C SER A 338 -16.70 -6.78 14.86
N ARG A 339 -16.44 -8.09 14.97
CA ARG A 339 -16.87 -9.08 13.99
C ARG A 339 -17.53 -10.27 14.69
N TRP A 340 -18.65 -10.72 14.14
CA TRP A 340 -19.41 -11.86 14.65
C TRP A 340 -19.65 -12.82 13.49
N THR A 341 -19.04 -14.01 13.57
CA THR A 341 -19.13 -15.01 12.51
C THR A 341 -19.99 -16.16 13.02
N HIS A 342 -21.20 -16.27 12.48
CA HIS A 342 -22.13 -17.32 12.83
C HIS A 342 -22.17 -18.31 11.68
N ARG A 343 -21.65 -19.51 11.93
CA ARG A 343 -21.72 -20.61 10.97
C ARG A 343 -23.04 -21.34 11.06
N GLY A 344 -23.95 -20.86 11.91
CA GLY A 344 -25.30 -21.39 11.91
C GLY A 344 -25.92 -21.28 10.54
N GLU A 345 -26.64 -22.33 10.15
CA GLU A 345 -27.09 -22.52 8.78
C GLU A 345 -28.60 -22.76 8.80
N LEU A 346 -29.36 -21.76 8.36
CA LEU A 346 -30.81 -21.85 8.22
C LEU A 346 -31.19 -21.29 6.84
N GLY A 347 -31.89 -22.10 6.06
CA GLY A 347 -32.13 -21.80 4.66
C GLY A 347 -31.29 -22.67 3.76
N VAL A 348 -30.00 -22.73 4.04
CA VAL A 348 -29.03 -23.59 3.37
C VAL A 348 -27.81 -23.67 4.30
N PRO A 349 -26.73 -24.41 3.93
CA PRO A 349 -25.48 -24.27 4.69
C PRO A 349 -24.87 -22.89 4.49
N VAL A 350 -25.17 -21.97 5.40
CA VAL A 350 -24.75 -20.58 5.29
C VAL A 350 -23.89 -20.22 6.50
N THR A 351 -22.72 -19.66 6.24
CA THR A 351 -21.89 -19.02 7.25
C THR A 351 -21.86 -17.53 6.95
N PHE A 352 -22.09 -16.70 7.97
CA PHE A 352 -22.16 -15.26 7.76
C PHE A 352 -21.34 -14.53 8.81
N THR A 353 -20.73 -13.41 8.39
CA THR A 353 -19.96 -12.55 9.27
C THR A 353 -20.55 -11.14 9.23
N THR A 354 -20.80 -10.56 10.41
CA THR A 354 -21.29 -9.18 10.53
C THR A 354 -20.34 -8.40 11.43
N GLY A 355 -20.55 -7.10 11.54
CA GLY A 355 -19.66 -6.31 12.38
C GLY A 355 -19.82 -4.82 12.18
N LEU A 356 -19.06 -4.08 12.98
CA LEU A 356 -19.06 -2.62 12.98
C LEU A 356 -17.62 -2.10 13.09
N ASN A 357 -17.36 -0.99 12.39
CA ASN A 357 -16.02 -0.42 12.31
C ASN A 357 -16.08 1.07 12.62
N TYR A 358 -15.16 1.53 13.48
CA TYR A 358 -15.00 2.94 13.80
C TYR A 358 -13.54 3.31 13.63
N GLU A 359 -13.27 4.30 12.77
CA GLU A 359 -11.91 4.79 12.53
C GLU A 359 -11.88 6.29 12.71
N ASN A 360 -10.81 6.78 13.34
CA ASN A 360 -10.70 8.17 13.77
C ASN A 360 -9.29 8.65 13.50
N MET A 361 -9.16 9.80 12.86
CA MET A 361 -7.86 10.46 12.71
C MET A 361 -8.08 11.95 12.89
N SER A 362 -7.40 12.52 13.88
CA SER A 362 -7.43 13.96 14.14
C SER A 362 -6.01 14.46 13.98
N GLU A 363 -5.83 15.43 13.10
CA GLU A 363 -4.51 15.98 12.83
C GLU A 363 -4.50 17.47 13.14
N ASN A 364 -3.40 17.91 13.75
CA ASN A 364 -3.01 19.31 13.78
C ASN A 364 -2.00 19.52 12.66
N ARG A 365 -2.36 20.38 11.69
CA ARG A 365 -1.56 20.64 10.51
C ARG A 365 -1.08 22.08 10.52
N LYS A 366 0.20 22.27 10.23
CA LYS A 366 0.79 23.61 10.15
C LYS A 366 1.62 23.73 8.88
N GLY A 367 1.91 24.98 8.52
CA GLY A 367 2.76 25.26 7.39
C GLY A 367 3.70 26.40 7.72
N TYR A 368 4.80 26.45 6.97
CA TYR A 368 5.80 27.47 7.20
C TYR A 368 6.47 27.87 5.90
N ASN A 369 7.16 29.02 5.98
CA ASN A 369 8.00 29.51 4.90
C ASN A 369 9.26 28.65 4.75
N ASN A 370 10.02 28.95 3.70
CA ASN A 370 11.40 28.54 3.58
C ASN A 370 12.37 29.71 3.76
N PHE A 371 11.87 30.94 3.74
CA PHE A 371 12.74 32.10 3.82
C PHE A 371 13.37 32.21 5.20
N ARG A 372 14.49 32.92 5.26
CA ARG A 372 15.09 33.34 6.53
C ARG A 372 15.88 34.63 6.30
N GLU A 379 15.40 29.51 -1.86
CA GLU A 379 14.83 29.50 -0.52
C GLU A 379 15.78 28.85 0.51
N TYR A 380 15.87 29.46 1.70
CA TYR A 380 16.68 28.93 2.79
C TYR A 380 16.20 27.52 3.15
N GLY A 381 17.04 26.79 3.88
CA GLY A 381 16.76 25.39 4.16
C GLY A 381 15.85 25.14 5.34
N GLN A 382 15.77 26.09 6.27
CA GLN A 382 14.93 25.98 7.45
C GLN A 382 13.65 26.79 7.25
N LYS A 383 12.72 26.66 8.20
CA LYS A 383 11.36 27.28 8.12
C LYS A 383 11.23 28.58 8.90
N GLY A 384 10.55 29.56 8.31
CA GLY A 384 10.38 30.91 8.90
C GLY A 384 9.01 31.15 9.50
N GLU A 385 8.34 32.25 9.12
CA GLU A 385 7.04 32.59 9.75
C GLU A 385 5.99 31.52 9.46
N LEU A 386 5.11 31.28 10.42
CA LEU A 386 4.04 30.27 10.36
C LEU A 386 2.98 30.80 9.42
N ARG A 387 2.55 30.00 8.45
CA ARG A 387 1.63 30.39 7.41
C ARG A 387 0.44 29.44 7.27
N ARG A 388 0.21 28.57 8.24
CA ARG A 388 -0.98 27.72 8.22
C ARG A 388 -1.13 27.06 9.59
N ASP A 389 -2.38 26.86 9.99
CA ASP A 389 -2.64 26.23 11.28
C ASP A 389 -4.09 25.76 11.34
N GLU A 390 -4.30 24.52 11.79
CA GLU A 390 -5.58 23.86 11.70
C GLU A 390 -5.62 22.68 12.65
N ARG A 391 -6.84 22.20 12.91
CA ARG A 391 -7.05 20.85 13.42
C ARG A 391 -8.11 20.22 12.52
N ASN A 392 -7.72 19.18 11.80
CA ASN A 392 -8.59 18.47 10.87
C ASN A 392 -8.89 17.11 11.48
N LEU A 393 -10.14 16.87 11.80
CA LEU A 393 -10.58 15.56 12.25
C LEU A 393 -11.31 14.88 11.10
N MET A 394 -11.10 13.58 11.01
CA MET A 394 -11.85 12.73 10.10
C MET A 394 -12.16 11.43 10.84
N TRP A 395 -13.44 11.04 10.85
CA TRP A 395 -13.80 9.79 11.51
C TRP A 395 -14.79 9.04 10.63
N ASN A 396 -14.90 7.74 10.90
CA ASN A 396 -15.55 6.79 10.01
C ASN A 396 -16.39 5.83 10.82
N ILE A 397 -17.67 5.72 10.48
CA ILE A 397 -18.57 4.76 11.12
C ILE A 397 -19.34 4.02 10.03
N ASP A 398 -19.51 2.72 10.22
CA ASP A 398 -20.21 1.95 9.22
C ASP A 398 -20.39 0.51 9.65
N PRO A 399 -21.59 -0.04 9.47
CA PRO A 399 -21.80 -1.48 9.61
C PRO A 399 -21.64 -2.21 8.27
N TYR A 400 -21.56 -3.54 8.37
CA TYR A 400 -21.33 -4.38 7.21
C TYR A 400 -21.66 -5.83 7.56
N LEU A 401 -21.64 -6.68 6.53
CA LEU A 401 -21.80 -8.12 6.72
C LEU A 401 -21.61 -8.91 5.44
N GLN A 402 -21.02 -10.11 5.55
CA GLN A 402 -20.85 -11.06 4.45
C GLN A 402 -21.53 -12.38 4.81
N THR A 403 -21.95 -13.10 3.77
CA THR A 403 -22.63 -14.37 3.89
C THR A 403 -22.10 -15.32 2.83
N GLN A 404 -21.97 -16.61 3.18
CA GLN A 404 -21.60 -17.66 2.23
C GLN A 404 -22.65 -18.76 2.35
N TRP A 405 -23.43 -18.94 1.29
CA TRP A 405 -24.51 -19.93 1.25
C TRP A 405 -24.07 -21.06 0.34
N GLN A 406 -24.06 -22.29 0.88
CA GLN A 406 -23.82 -23.47 0.05
C GLN A 406 -25.16 -23.96 -0.50
N LEU A 407 -25.73 -23.14 -1.38
CA LEU A 407 -27.05 -23.43 -1.93
C LEU A 407 -27.15 -24.88 -2.39
N SER A 408 -26.25 -25.30 -3.27
CA SER A 408 -26.11 -26.68 -3.68
C SER A 408 -24.67 -27.13 -3.39
N GLU A 409 -24.41 -28.41 -3.65
CA GLU A 409 -23.03 -28.86 -3.64
C GLU A 409 -22.34 -28.35 -4.91
N LYS A 410 -21.08 -27.95 -4.76
CA LYS A 410 -20.30 -27.39 -5.87
C LYS A 410 -20.97 -26.16 -6.48
N LEU A 411 -21.71 -25.42 -5.65
CA LEU A 411 -22.20 -24.09 -6.02
C LEU A 411 -22.56 -23.34 -4.76
N SER A 412 -21.91 -22.19 -4.53
CA SER A 412 -22.21 -21.35 -3.40
C SER A 412 -22.32 -19.89 -3.84
N LEU A 413 -23.00 -19.11 -3.01
CA LEU A 413 -23.20 -17.69 -3.26
C LEU A 413 -22.63 -16.92 -2.07
N ASP A 414 -21.64 -16.08 -2.34
CA ASP A 414 -21.08 -15.16 -1.35
C ASP A 414 -21.65 -13.79 -1.63
N ALA A 415 -22.12 -13.10 -0.59
CA ALA A 415 -22.70 -11.78 -0.77
C ALA A 415 -22.46 -10.93 0.47
N GLY A 416 -22.07 -9.68 0.26
CA GLY A 416 -21.82 -8.77 1.38
C GLY A 416 -22.24 -7.35 1.06
N VAL A 417 -22.51 -6.59 2.12
CA VAL A 417 -22.87 -5.18 2.00
C VAL A 417 -22.18 -4.40 3.10
N ARG A 418 -22.11 -3.08 2.91
CA ARG A 418 -21.54 -2.16 3.87
C ARG A 418 -22.13 -0.78 3.64
N TYR A 419 -22.33 -0.02 4.74
CA TYR A 419 -22.87 1.34 4.64
C TYR A 419 -21.81 2.31 5.16
N SER A 420 -21.02 2.88 4.26
CA SER A 420 -19.92 3.76 4.65
C SER A 420 -20.47 5.12 5.03
N SER A 421 -20.03 5.65 6.18
CA SER A 421 -20.35 7.01 6.60
C SER A 421 -19.05 7.66 7.06
N VAL A 422 -18.68 8.77 6.43
CA VAL A 422 -17.43 9.47 6.69
C VAL A 422 -17.74 10.92 7.06
N TRP A 423 -17.03 11.43 8.07
CA TRP A 423 -17.20 12.81 8.53
C TRP A 423 -15.84 13.51 8.50
N PHE A 424 -15.83 14.73 7.96
CA PHE A 424 -14.68 15.63 7.95
C PHE A 424 -15.04 16.90 8.70
N ASP A 425 -14.12 17.37 9.55
CA ASP A 425 -14.23 18.70 10.15
C ASP A 425 -12.84 19.32 10.13
N SER A 426 -12.79 20.61 9.79
CA SER A 426 -11.56 21.38 9.83
C SER A 426 -11.85 22.64 10.63
N ASN A 427 -11.11 22.81 11.72
CA ASN A 427 -11.14 24.02 12.52
C ASN A 427 -9.86 24.77 12.20
N ASP A 428 -10.00 25.89 11.48
CA ASP A 428 -8.86 26.65 10.97
C ASP A 428 -8.49 27.75 11.95
N HIS A 429 -7.20 27.85 12.25
CA HIS A 429 -6.68 28.80 13.22
C HIS A 429 -5.95 29.97 12.58
N TYR A 430 -5.82 30.00 11.26
CA TYR A 430 -5.02 31.00 10.55
C TYR A 430 -5.95 31.92 9.76
N VAL A 431 -6.21 33.11 10.28
CA VAL A 431 -7.08 34.10 9.63
C VAL A 431 -6.31 35.43 9.61
N THR A 432 -5.46 35.62 8.60
CA THR A 432 -4.67 36.83 8.41
C THR A 432 -5.35 37.74 7.39
N PRO A 433 -4.93 39.01 7.31
CA PRO A 433 -5.55 39.90 6.30
C PRO A 433 -5.25 39.45 4.89
N GLY A 434 -6.08 38.55 4.36
CA GLY A 434 -5.85 37.97 3.05
C GLY A 434 -6.18 36.49 3.04
N ASN A 435 -5.94 35.82 4.17
CA ASN A 435 -6.26 34.40 4.36
C ASN A 435 -7.48 34.31 5.26
N GLY A 436 -8.63 33.96 4.68
CA GLY A 436 -9.87 33.93 5.43
C GLY A 436 -10.00 32.72 6.34
N ASP A 437 -11.10 32.68 7.09
CA ASP A 437 -11.40 31.57 7.98
C ASP A 437 -11.91 30.39 7.16
N ASP A 438 -11.07 29.38 7.01
CA ASP A 438 -11.32 28.27 6.11
C ASP A 438 -11.97 27.09 6.81
N SER A 439 -12.41 27.26 8.05
CA SER A 439 -13.05 26.16 8.75
C SER A 439 -14.23 25.66 7.92
N GLY A 440 -14.57 24.40 8.14
CA GLY A 440 -15.66 23.81 7.40
C GLY A 440 -15.89 22.38 7.85
N ASP A 441 -16.96 21.81 7.34
CA ASP A 441 -17.39 20.50 7.81
C ASP A 441 -18.25 19.87 6.73
N ALA A 442 -18.10 18.55 6.57
CA ALA A 442 -18.85 17.83 5.54
C ALA A 442 -18.95 16.35 5.90
N SER A 443 -19.84 15.65 5.20
CA SER A 443 -20.07 14.23 5.45
C SER A 443 -20.52 13.52 4.17
N TYR A 444 -20.35 12.19 4.16
CA TYR A 444 -20.66 11.38 3.00
C TYR A 444 -21.19 10.01 3.42
N HIS A 445 -22.19 9.52 2.69
CA HIS A 445 -22.78 8.20 2.95
C HIS A 445 -22.95 7.44 1.65
N LYS A 446 -22.66 6.15 1.67
CA LYS A 446 -22.99 5.35 0.50
C LYS A 446 -23.18 3.89 0.86
N TRP A 447 -24.05 3.23 0.10
CA TRP A 447 -24.28 1.80 0.18
C TRP A 447 -23.33 1.12 -0.80
N LEU A 448 -22.36 0.37 -0.26
CA LEU A 448 -21.44 -0.40 -1.08
C LEU A 448 -21.84 -1.87 -1.02
N PRO A 449 -22.35 -2.45 -2.12
CA PRO A 449 -22.64 -3.90 -2.13
C PRO A 449 -21.68 -4.69 -3.02
N ALA A 450 -21.46 -5.97 -2.71
CA ALA A 450 -20.60 -6.83 -3.52
C ALA A 450 -21.10 -8.27 -3.44
N GLY A 451 -20.87 -9.03 -4.51
CA GLY A 451 -21.34 -10.41 -4.54
C GLY A 451 -20.61 -11.25 -5.56
N SER A 452 -20.47 -12.54 -5.26
CA SER A 452 -19.81 -13.50 -6.14
C SER A 452 -20.49 -14.86 -6.11
N LEU A 453 -20.73 -15.40 -7.30
CA LEU A 453 -21.20 -16.77 -7.48
C LEU A 453 -19.99 -17.68 -7.75
N LYS A 454 -19.86 -18.75 -6.98
CA LYS A 454 -18.73 -19.66 -7.09
C LYS A 454 -19.24 -21.06 -7.43
N TYR A 455 -18.76 -21.60 -8.55
CA TYR A 455 -19.14 -22.92 -9.02
C TYR A 455 -17.90 -23.79 -9.13
N ALA A 456 -17.96 -24.97 -8.53
CA ALA A 456 -16.81 -25.87 -8.45
C ALA A 456 -16.94 -26.95 -9.53
N MET A 457 -16.20 -26.76 -10.64
CA MET A 457 -16.13 -27.80 -11.66
C MET A 457 -15.57 -29.09 -11.07
N THR A 458 -14.61 -28.97 -10.16
CA THR A 458 -14.09 -30.08 -9.36
C THR A 458 -13.74 -29.50 -7.99
N ASP A 459 -12.98 -30.24 -7.18
CA ASP A 459 -12.40 -29.60 -6.01
C ASP A 459 -11.10 -28.87 -6.37
N ALA A 460 -10.45 -29.27 -7.45
CA ALA A 460 -9.22 -28.61 -7.89
C ALA A 460 -9.47 -27.40 -8.76
N TRP A 461 -10.68 -27.25 -9.31
CA TRP A 461 -11.01 -26.11 -10.17
C TRP A 461 -12.32 -25.49 -9.70
N ASN A 462 -12.27 -24.22 -9.32
CA ASN A 462 -13.46 -23.43 -8.99
C ASN A 462 -13.45 -22.17 -9.84
N ILE A 463 -14.58 -21.88 -10.47
CA ILE A 463 -14.77 -20.63 -11.20
C ILE A 463 -15.68 -19.74 -10.37
N TYR A 464 -15.61 -18.44 -10.66
CA TYR A 464 -16.39 -17.46 -9.92
C TYR A 464 -16.69 -16.25 -10.80
N LEU A 465 -17.78 -15.57 -10.47
CA LEU A 465 -18.16 -14.32 -11.12
C LEU A 465 -18.67 -13.36 -10.05
N ALA A 466 -18.10 -12.15 -10.00
CA ALA A 466 -18.41 -11.19 -8.94
C ALA A 466 -18.67 -9.81 -9.55
N ALA A 467 -19.30 -8.96 -8.72
CA ALA A 467 -19.62 -7.59 -9.12
C ALA A 467 -19.84 -6.75 -7.87
N GLY A 468 -19.66 -5.43 -8.03
CA GLY A 468 -19.83 -4.53 -6.91
C GLY A 468 -19.82 -3.07 -7.30
N ARG A 469 -20.23 -2.23 -6.35
CA ARG A 469 -20.12 -0.78 -6.48
C ARG A 469 -19.11 -0.25 -5.48
N GLY A 470 -18.46 0.84 -5.86
CA GLY A 470 -17.36 1.36 -5.07
C GLY A 470 -17.56 2.82 -4.73
N PHE A 471 -16.52 3.43 -4.15
CA PHE A 471 -16.75 4.69 -3.45
C PHE A 471 -15.40 5.34 -3.19
N GLU A 472 -15.35 6.65 -3.41
CA GLU A 472 -14.10 7.39 -3.24
C GLU A 472 -14.47 8.77 -2.70
N THR A 473 -14.39 8.93 -1.40
CA THR A 473 -14.65 10.22 -0.81
C THR A 473 -13.55 11.21 -1.21
N PRO A 474 -13.87 12.49 -1.30
CA PRO A 474 -12.81 13.48 -1.47
C PRO A 474 -11.94 13.56 -0.23
N THR A 475 -10.64 13.72 -0.43
CA THR A 475 -9.77 13.89 0.71
C THR A 475 -9.99 15.24 1.36
N ILE A 476 -9.60 15.34 2.64
CA ILE A 476 -9.77 16.59 3.37
C ILE A 476 -9.02 17.71 2.66
N ASN A 477 -7.86 17.40 2.06
CA ASN A 477 -7.11 18.39 1.31
C ASN A 477 -7.84 18.85 0.05
N GLU A 478 -8.77 18.04 -0.47
CA GLU A 478 -9.47 18.41 -1.70
C GLU A 478 -10.60 19.39 -1.45
N LEU A 479 -11.29 19.28 -0.31
CA LEU A 479 -12.37 20.21 0.02
C LEU A 479 -11.85 21.55 0.56
N SER A 480 -10.60 21.58 1.03
CA SER A 480 -10.08 22.72 1.77
C SER A 480 -10.50 24.06 1.18
N TYR A 481 -10.35 24.20 -0.14
CA TYR A 481 -10.54 25.49 -0.79
C TYR A 481 -11.51 25.37 -1.96
N ARG A 482 -12.01 26.53 -2.38
CA ARG A 482 -12.96 26.66 -3.46
C ARG A 482 -12.49 27.78 -4.39
N ALA A 483 -12.74 27.59 -5.68
CA ALA A 483 -12.42 28.62 -6.67
C ALA A 483 -13.38 29.80 -6.57
N ASP A 484 -14.42 29.67 -5.75
CA ASP A 484 -15.37 30.75 -5.55
C ASP A 484 -14.67 32.00 -5.02
N GLY A 485 -13.66 31.82 -4.17
CA GLY A 485 -13.10 32.92 -3.42
C GLY A 485 -13.73 33.15 -2.06
N GLN A 486 -14.90 32.56 -1.80
CA GLN A 486 -15.53 32.69 -0.50
C GLN A 486 -14.79 31.84 0.53
N SER A 487 -14.80 32.30 1.77
CA SER A 487 -14.20 31.54 2.86
C SER A 487 -15.08 30.35 3.19
N GLY A 488 -14.46 29.20 3.38
CA GLY A 488 -15.18 28.00 3.76
C GLY A 488 -14.83 26.83 2.84
N MET A 489 -15.29 25.67 3.27
CA MET A 489 -15.05 24.48 2.49
C MET A 489 -15.88 24.50 1.21
N ASN A 490 -15.41 23.76 0.21
CA ASN A 490 -16.11 23.58 -1.05
C ASN A 490 -17.11 22.45 -0.89
N LEU A 491 -18.33 22.80 -0.47
CA LEU A 491 -19.33 21.81 -0.09
C LEU A 491 -20.06 21.22 -1.29
N GLY A 492 -19.75 21.68 -2.50
CA GLY A 492 -20.39 21.13 -3.68
C GLY A 492 -19.79 19.81 -4.14
N LEU A 493 -18.49 19.62 -3.94
CA LEU A 493 -17.80 18.43 -4.40
C LEU A 493 -18.41 17.15 -3.81
N LYS A 494 -18.69 16.19 -4.68
CA LYS A 494 -19.22 14.89 -4.28
C LYS A 494 -18.25 13.78 -4.70
N PRO A 495 -18.41 12.58 -4.17
CA PRO A 495 -17.39 11.54 -4.35
C PRO A 495 -17.55 10.78 -5.66
N SER A 496 -16.56 9.93 -5.93
CA SER A 496 -16.59 9.10 -7.11
C SER A 496 -17.43 7.86 -6.88
N THR A 497 -18.10 7.41 -7.93
CA THR A 497 -18.85 6.17 -7.92
C THR A 497 -18.13 5.15 -8.80
N ASN A 498 -18.27 3.89 -8.44
CA ASN A 498 -17.67 2.81 -9.18
C ASN A 498 -18.77 1.89 -9.69
N ASP A 499 -18.34 0.86 -10.43
CA ASP A 499 -19.23 -0.14 -11.02
C ASP A 499 -18.33 -1.21 -11.65
N THR A 500 -18.05 -2.28 -10.90
CA THR A 500 -17.02 -3.24 -11.21
C THR A 500 -17.62 -4.62 -11.47
N ILE A 501 -17.13 -5.29 -12.52
CA ILE A 501 -17.56 -6.64 -12.87
C ILE A 501 -16.32 -7.49 -13.15
N GLU A 502 -16.34 -8.75 -12.71
CA GLU A 502 -15.17 -9.62 -12.79
C GLU A 502 -15.56 -11.09 -12.89
N ILE A 503 -14.72 -11.86 -13.58
CA ILE A 503 -14.81 -13.32 -13.65
C ILE A 503 -13.44 -13.93 -13.40
N GLY A 504 -13.41 -15.15 -12.85
CA GLY A 504 -12.15 -15.81 -12.58
C GLY A 504 -12.27 -17.32 -12.55
N SER A 505 -11.12 -17.97 -12.76
CA SER A 505 -11.01 -19.42 -12.79
C SER A 505 -9.75 -19.83 -12.06
N LYS A 506 -9.89 -20.58 -10.98
CA LYS A 506 -8.76 -20.97 -10.15
C LYS A 506 -8.67 -22.49 -10.20
N THR A 507 -7.53 -23.00 -10.63
CA THR A 507 -7.35 -24.43 -10.84
C THR A 507 -6.07 -24.89 -10.18
N ARG A 508 -6.18 -25.90 -9.32
CA ARG A 508 -4.98 -26.52 -8.75
C ARG A 508 -4.47 -27.57 -9.73
N ILE A 509 -3.30 -27.32 -10.30
CA ILE A 509 -2.65 -28.27 -11.21
C ILE A 509 -1.31 -28.66 -10.63
N GLY A 510 -1.02 -29.96 -10.62
CA GLY A 510 0.21 -30.43 -10.01
C GLY A 510 0.22 -30.08 -8.54
N ASP A 511 1.35 -29.55 -8.06
CA ASP A 511 1.43 -29.00 -6.71
C ASP A 511 1.36 -27.48 -6.71
N GLY A 512 0.91 -26.88 -7.80
CA GLY A 512 0.76 -25.45 -7.87
C GLY A 512 -0.64 -25.05 -8.26
N LEU A 513 -0.84 -23.78 -8.59
CA LEU A 513 -2.17 -23.27 -8.90
C LEU A 513 -2.06 -22.31 -10.07
N LEU A 514 -3.04 -22.39 -10.97
CA LEU A 514 -3.17 -21.51 -12.12
C LEU A 514 -4.46 -20.73 -11.94
N SER A 515 -4.34 -19.41 -11.84
CA SER A 515 -5.49 -18.54 -11.64
C SER A 515 -5.63 -17.59 -12.82
N LEU A 516 -6.87 -17.30 -13.15
CA LEU A 516 -7.22 -16.39 -14.23
C LEU A 516 -8.30 -15.43 -13.72
N ALA A 517 -8.24 -14.18 -14.18
CA ALA A 517 -9.25 -13.19 -13.82
C ALA A 517 -9.36 -12.15 -14.92
N LEU A 518 -10.58 -11.66 -15.16
CA LEU A 518 -10.88 -10.62 -16.13
C LEU A 518 -11.85 -9.63 -15.50
N PHE A 519 -11.61 -8.32 -15.70
CA PHE A 519 -12.39 -7.32 -14.99
C PHE A 519 -12.57 -6.04 -15.80
N GLN A 520 -13.64 -5.32 -15.47
CA GLN A 520 -13.84 -3.94 -15.94
C GLN A 520 -14.43 -3.11 -14.82
N THR A 521 -14.18 -1.80 -14.89
CA THR A 521 -14.60 -0.85 -13.86
C THR A 521 -15.14 0.42 -14.52
N ASP A 522 -16.33 0.83 -14.09
CA ASP A 522 -16.98 2.07 -14.54
C ASP A 522 -16.81 3.12 -13.45
N THR A 523 -15.91 4.06 -13.68
CA THR A 523 -15.74 5.18 -12.77
C THR A 523 -16.63 6.33 -13.23
N ASP A 524 -17.13 7.08 -12.27
CA ASP A 524 -17.98 8.22 -12.58
C ASP A 524 -17.74 9.29 -11.52
N ASP A 525 -18.03 10.53 -11.89
CA ASP A 525 -17.85 11.64 -10.97
C ASP A 525 -16.41 11.72 -10.49
N GLU A 526 -15.48 11.37 -11.37
CA GLU A 526 -14.06 11.44 -11.05
C GLU A 526 -13.71 12.82 -10.52
N ILE A 527 -13.04 12.86 -9.38
CA ILE A 527 -12.64 14.12 -8.76
C ILE A 527 -11.32 14.59 -9.39
N VAL A 528 -11.35 15.77 -10.00
CA VAL A 528 -10.22 16.33 -10.72
C VAL A 528 -10.00 17.77 -10.26
N VAL A 529 -8.94 18.40 -10.79
CA VAL A 529 -8.62 19.79 -10.47
C VAL A 529 -9.41 20.70 -11.41
N ASP A 530 -9.94 21.79 -10.86
CA ASP A 530 -10.70 22.77 -11.63
C ASP A 530 -9.90 24.06 -11.79
N SER A 531 -9.69 24.79 -10.70
CA SER A 531 -8.86 25.98 -10.69
C SER A 531 -7.66 25.74 -9.80
N SER A 532 -6.65 26.59 -9.96
CA SER A 532 -5.49 26.52 -9.09
C SER A 532 -4.62 27.75 -9.29
N SER A 533 -4.57 28.60 -8.27
CA SER A 533 -3.80 29.82 -8.32
C SER A 533 -3.55 30.30 -6.91
N GLY A 534 -2.41 30.97 -6.72
CA GLY A 534 -2.09 31.48 -5.40
C GLY A 534 -1.86 30.42 -4.35
N GLY A 535 -1.39 29.25 -4.73
CA GLY A 535 -1.06 28.21 -3.79
C GLY A 535 -2.23 27.41 -3.25
N ARG A 536 -3.45 27.71 -3.69
CA ARG A 536 -4.64 27.00 -3.25
C ARG A 536 -5.28 26.30 -4.43
N THR A 537 -5.34 24.98 -4.38
CA THR A 537 -5.92 24.17 -5.46
C THR A 537 -7.38 23.90 -5.16
N THR A 538 -8.21 24.05 -6.19
CA THR A 538 -9.64 23.81 -6.12
C THR A 538 -10.01 22.64 -7.00
N TYR A 539 -11.02 21.88 -6.60
CA TYR A 539 -11.34 20.62 -7.23
C TYR A 539 -12.80 20.60 -7.68
N LYS A 540 -13.13 19.59 -8.48
CA LYS A 540 -14.36 19.55 -9.25
C LYS A 540 -14.69 18.11 -9.58
N ASN A 541 -15.96 17.88 -9.95
CA ASN A 541 -16.44 16.59 -10.41
C ASN A 541 -16.75 16.68 -11.91
N ALA A 542 -16.08 15.85 -12.70
CA ALA A 542 -16.28 15.88 -14.14
C ALA A 542 -15.78 14.58 -14.75
N GLY A 543 -16.68 13.82 -15.33
CA GLY A 543 -16.30 12.81 -16.27
C GLY A 543 -16.42 11.41 -15.73
N LYS A 544 -16.59 10.45 -16.64
CA LYS A 544 -16.57 9.03 -16.36
C LYS A 544 -15.28 8.44 -16.90
N THR A 545 -15.01 7.21 -16.52
CA THR A 545 -13.89 6.47 -17.07
C THR A 545 -14.27 5.00 -17.14
N ARG A 546 -13.52 4.27 -17.96
CA ARG A 546 -13.70 2.83 -18.00
C ARG A 546 -12.33 2.19 -18.03
N ARG A 547 -12.16 1.14 -17.21
CA ARG A 547 -10.87 0.47 -17.09
C ARG A 547 -11.10 -1.03 -17.22
N GLN A 548 -10.57 -1.61 -18.28
CA GLN A 548 -10.66 -3.04 -18.54
C GLN A 548 -9.29 -3.68 -18.35
N GLY A 549 -9.25 -4.95 -17.99
CA GLY A 549 -7.97 -5.61 -17.84
C GLY A 549 -8.11 -7.07 -17.52
N ALA A 550 -6.96 -7.72 -17.44
CA ALA A 550 -6.90 -9.15 -17.17
C ALA A 550 -5.64 -9.49 -16.37
N GLU A 551 -5.77 -10.56 -15.56
CA GLU A 551 -4.72 -11.08 -14.71
C GLU A 551 -4.57 -12.57 -14.97
N LEU A 552 -3.33 -13.04 -15.13
CA LEU A 552 -3.08 -14.47 -15.26
C LEU A 552 -1.89 -14.82 -14.41
N ALA A 553 -2.00 -15.90 -13.63
CA ALA A 553 -0.91 -16.34 -12.76
C ALA A 553 -0.81 -17.85 -12.75
N TRP A 554 0.40 -18.34 -12.56
CA TRP A 554 0.64 -19.77 -12.48
C TRP A 554 1.86 -20.01 -11.60
N ASP A 555 1.69 -20.87 -10.60
CA ASP A 555 2.73 -21.26 -9.67
C ASP A 555 2.84 -22.78 -9.67
N GLN A 556 4.06 -23.28 -9.60
CA GLN A 556 4.26 -24.72 -9.59
C GLN A 556 5.53 -25.05 -8.83
N ARG A 557 5.51 -26.18 -8.12
CA ARG A 557 6.66 -26.69 -7.33
C ARG A 557 6.85 -28.17 -7.68
N PHE A 558 8.10 -28.65 -7.71
CA PHE A 558 8.47 -30.01 -8.07
C PHE A 558 9.49 -30.55 -7.07
N ALA A 559 9.48 -31.87 -6.87
CA ALA A 559 10.43 -32.54 -6.00
C ALA A 559 11.84 -32.04 -6.28
N GLY A 560 12.69 -32.08 -5.24
CA GLY A 560 13.93 -31.34 -5.29
C GLY A 560 13.74 -29.85 -5.20
N ASP A 561 12.56 -29.43 -4.73
CA ASP A 561 12.11 -28.04 -4.74
C ASP A 561 12.67 -27.26 -5.92
N PHE A 562 12.20 -27.63 -7.11
CA PHE A 562 12.28 -26.80 -8.30
C PHE A 562 10.99 -26.00 -8.37
N ARG A 563 11.07 -24.67 -8.30
CA ARG A 563 9.87 -23.84 -8.28
C ARG A 563 9.86 -22.87 -9.44
N VAL A 564 8.69 -22.71 -10.06
CA VAL A 564 8.48 -21.80 -11.16
C VAL A 564 7.25 -20.94 -10.87
N ASN A 565 7.32 -19.67 -11.26
CA ASN A 565 6.24 -18.72 -11.07
C ASN A 565 6.15 -17.78 -12.25
N ALA A 566 4.93 -17.48 -12.67
CA ALA A 566 4.73 -16.58 -13.81
C ALA A 566 3.40 -15.86 -13.64
N SER A 567 3.31 -14.67 -14.24
CA SER A 567 2.07 -13.91 -14.22
C SER A 567 2.18 -12.78 -15.22
N TRP A 568 1.03 -12.37 -15.75
CA TRP A 568 0.94 -11.25 -16.67
C TRP A 568 -0.36 -10.50 -16.40
N THR A 569 -0.37 -9.23 -16.81
CA THR A 569 -1.48 -8.34 -16.49
C THR A 569 -1.62 -7.28 -17.58
N TRP A 570 -2.82 -7.18 -18.14
CA TRP A 570 -3.16 -6.15 -19.12
C TRP A 570 -4.14 -5.17 -18.47
N LEU A 571 -4.01 -3.88 -18.80
CA LEU A 571 -4.95 -2.88 -18.29
C LEU A 571 -5.09 -1.71 -19.26
N ASP A 572 -6.24 -1.65 -19.94
CA ASP A 572 -6.60 -0.50 -20.75
C ASP A 572 -7.56 0.35 -19.94
N ALA A 573 -7.05 1.42 -19.33
CA ALA A 573 -7.83 2.31 -18.50
C ALA A 573 -7.90 3.67 -19.20
N THR A 574 -9.06 3.96 -19.78
CA THR A 574 -9.25 5.17 -20.57
C THR A 574 -10.31 6.05 -19.92
N TYR A 575 -10.26 7.33 -20.26
CA TYR A 575 -11.29 8.27 -19.88
C TYR A 575 -12.45 8.19 -20.86
N ARG A 576 -13.65 8.47 -20.37
CA ARG A 576 -14.83 8.57 -21.21
C ARG A 576 -15.43 9.97 -21.19
N SER A 577 -14.67 10.96 -20.71
CA SER A 577 -15.18 12.31 -20.55
C SER A 577 -14.01 13.26 -20.36
N ASN A 578 -14.21 14.50 -20.78
CA ASN A 578 -13.15 15.50 -20.68
C ASN A 578 -12.92 15.85 -19.22
N VAL A 579 -11.66 15.73 -18.77
CA VAL A 579 -11.31 16.06 -17.40
C VAL A 579 -10.20 17.11 -17.37
N CYS A 580 -10.22 18.03 -18.33
CA CYS A 580 -9.18 19.05 -18.44
C CYS A 580 -9.84 20.35 -18.92
N ASN A 581 -9.51 21.46 -18.27
CA ASN A 581 -10.23 22.71 -18.54
C ASN A 581 -9.92 23.24 -19.93
N GLU A 582 -8.67 23.13 -20.36
CA GLU A 582 -8.22 23.72 -21.61
C GLU A 582 -7.93 22.68 -22.69
N GLN A 583 -8.07 21.40 -22.38
CA GLN A 583 -7.85 20.36 -23.37
C GLN A 583 -8.90 19.29 -23.25
N ASP A 584 -9.24 18.68 -24.38
CA ASP A 584 -10.13 17.51 -24.38
C ASP A 584 -9.26 16.29 -24.08
N CYS A 585 -9.37 15.79 -22.85
CA CYS A 585 -8.62 14.61 -22.41
C CYS A 585 -9.47 13.34 -22.50
N ASN A 586 -10.46 13.31 -23.38
CA ASN A 586 -11.50 12.28 -23.30
C ASN A 586 -10.95 10.90 -23.61
N GLY A 587 -10.31 10.75 -24.76
CA GLY A 587 -9.81 9.44 -25.12
C GLY A 587 -8.53 9.03 -24.43
N ASN A 588 -8.00 9.87 -23.55
CA ASN A 588 -6.63 9.69 -23.10
C ASN A 588 -6.50 8.51 -22.14
N ARG A 589 -5.26 8.08 -21.95
CA ARG A 589 -4.94 7.00 -21.04
C ARG A 589 -5.12 7.45 -19.59
N MET A 590 -5.02 6.50 -18.69
CA MET A 590 -4.88 6.87 -17.29
C MET A 590 -3.39 6.88 -16.93
N PRO A 591 -2.90 7.94 -16.28
CA PRO A 591 -1.47 7.96 -15.94
C PRO A 591 -1.17 7.03 -14.77
N GLY A 592 -0.05 6.31 -14.88
CA GLY A 592 0.38 5.36 -13.89
C GLY A 592 0.13 3.91 -14.26
N ILE A 593 -0.94 3.63 -14.98
CA ILE A 593 -1.26 2.26 -15.37
C ILE A 593 -0.37 1.83 -16.51
N ALA A 594 0.12 0.58 -16.44
CA ALA A 594 0.94 -0.02 -17.49
C ALA A 594 0.04 -0.93 -18.33
N ARG A 595 -0.15 -0.57 -19.60
CA ARG A 595 -1.03 -1.32 -20.53
C ARG A 595 -0.70 -2.81 -20.48
N ASN A 596 0.56 -3.14 -20.23
CA ASN A 596 1.04 -4.50 -20.12
C ASN A 596 2.10 -4.58 -19.03
N MET A 597 2.07 -5.65 -18.24
CA MET A 597 3.18 -5.93 -17.34
C MET A 597 3.21 -7.43 -17.05
N GLY A 598 4.37 -7.92 -16.64
CA GLY A 598 4.53 -9.34 -16.44
C GLY A 598 5.73 -9.67 -15.58
N PHE A 599 5.73 -10.88 -15.06
CA PHE A 599 6.75 -11.33 -14.12
C PHE A 599 6.94 -12.83 -14.29
N ALA A 600 8.18 -13.28 -14.17
CA ALA A 600 8.48 -14.70 -14.27
C ALA A 600 9.76 -15.00 -13.49
N SER A 601 9.71 -16.03 -12.63
CA SER A 601 10.85 -16.41 -11.81
C SER A 601 11.00 -17.92 -11.79
N ILE A 602 12.25 -18.37 -11.69
CA ILE A 602 12.57 -19.79 -11.54
C ILE A 602 13.65 -19.95 -10.49
N GLY A 603 13.45 -20.90 -9.57
CA GLY A 603 14.37 -21.09 -8.46
C GLY A 603 14.61 -22.54 -8.06
N TYR A 604 15.88 -22.87 -7.78
CA TYR A 604 16.28 -24.18 -7.25
C TYR A 604 16.55 -23.98 -5.76
N VAL A 605 15.72 -24.58 -4.92
CA VAL A 605 15.81 -24.31 -3.49
C VAL A 605 15.95 -25.62 -2.71
N PRO A 606 17.12 -26.23 -2.68
CA PRO A 606 17.36 -27.32 -1.74
C PRO A 606 17.45 -26.77 -0.32
N GLU A 607 17.08 -27.60 0.65
CA GLU A 607 16.95 -27.13 2.01
C GLU A 607 18.25 -27.15 2.78
N ASP A 608 19.28 -27.86 2.29
CA ASP A 608 20.49 -28.05 3.07
C ASP A 608 21.75 -27.65 2.31
N GLY A 609 21.64 -26.85 1.26
CA GLY A 609 22.83 -26.54 0.50
C GLY A 609 22.63 -25.43 -0.50
N TRP A 610 23.51 -25.46 -1.51
CA TRP A 610 23.52 -24.45 -2.57
C TRP A 610 22.12 -24.27 -3.15
N TYR A 611 21.60 -23.04 -3.05
CA TYR A 611 20.34 -22.65 -3.68
C TYR A 611 20.58 -21.47 -4.60
N ALA A 612 19.63 -21.24 -5.52
CA ALA A 612 19.75 -20.16 -6.48
C ALA A 612 18.39 -19.86 -7.08
N GLY A 613 18.32 -18.72 -7.77
CA GLY A 613 17.09 -18.30 -8.43
C GLY A 613 17.30 -17.10 -9.32
N THR A 614 16.32 -16.88 -10.20
CA THR A 614 16.38 -15.72 -11.09
C THR A 614 14.98 -15.25 -11.50
N GLU A 615 14.83 -13.93 -11.49
CA GLU A 615 13.57 -13.24 -11.73
C GLU A 615 13.65 -12.35 -12.97
N ALA A 616 12.49 -12.06 -13.55
CA ALA A 616 12.39 -11.13 -14.67
C ALA A 616 11.07 -10.37 -14.59
N ARG A 617 11.13 -9.05 -14.82
CA ARG A 617 10.00 -8.14 -14.62
C ARG A 617 9.87 -7.22 -15.83
N TYR A 618 8.69 -7.21 -16.45
CA TYR A 618 8.37 -6.35 -17.60
C TYR A 618 7.32 -5.34 -17.20
N MET A 619 7.61 -4.06 -17.43
CA MET A 619 6.70 -2.96 -17.11
C MET A 619 6.39 -2.18 -18.38
N GLY A 620 5.12 -2.16 -18.76
CA GLY A 620 4.71 -1.44 -19.96
C GLY A 620 4.97 0.05 -19.84
N ASP A 621 4.84 0.72 -20.98
CA ASP A 621 4.95 2.18 -20.99
C ASP A 621 3.75 2.77 -20.25
N ILE A 622 4.04 3.62 -19.27
CA ILE A 622 3.02 4.22 -18.42
C ILE A 622 3.05 5.72 -18.64
N MET A 623 1.87 6.30 -18.84
CA MET A 623 1.76 7.74 -19.00
C MET A 623 1.83 8.44 -17.65
N ALA A 624 2.33 9.68 -17.66
CA ALA A 624 2.51 10.45 -16.43
C ALA A 624 1.61 11.67 -16.36
N ASP A 625 0.69 11.81 -17.30
CA ASP A 625 -0.20 12.97 -17.39
C ASP A 625 -1.62 12.50 -17.64
N ASP A 626 -2.58 13.33 -17.26
CA ASP A 626 -3.95 13.14 -17.72
C ASP A 626 -4.06 13.53 -19.18
N GLU A 627 -3.36 14.59 -19.58
CA GLU A 627 -3.32 14.97 -20.99
C GLU A 627 -2.55 13.95 -21.83
N ASN A 628 -1.76 13.07 -21.20
CA ASN A 628 -0.90 12.12 -21.90
C ASN A 628 0.21 12.88 -22.64
N THR A 629 0.83 13.82 -21.93
CA THR A 629 1.92 14.60 -22.51
C THR A 629 3.27 13.92 -22.37
N ALA A 630 3.44 13.08 -21.36
CA ALA A 630 4.70 12.41 -21.12
C ALA A 630 4.45 10.93 -20.90
N LYS A 631 5.47 10.14 -21.16
CA LYS A 631 5.38 8.68 -21.10
C LYS A 631 6.63 8.17 -20.41
N ALA A 632 6.47 7.10 -19.65
CA ALA A 632 7.65 6.42 -19.13
C ALA A 632 7.93 5.17 -19.97
N PRO A 633 9.19 4.91 -20.30
CA PRO A 633 9.49 3.80 -21.21
C PRO A 633 8.94 2.47 -20.71
N SER A 634 8.61 1.62 -21.67
CA SER A 634 8.42 0.20 -21.40
C SER A 634 9.81 -0.41 -21.20
N TYR A 635 9.98 -1.16 -20.11
CA TYR A 635 11.30 -1.66 -19.75
C TYR A 635 11.22 -3.06 -19.16
N THR A 636 12.26 -3.86 -19.43
CA THR A 636 12.39 -5.21 -18.90
C THR A 636 13.68 -5.34 -18.10
N LEU A 637 13.58 -6.02 -16.94
CA LEU A 637 14.62 -6.02 -15.92
C LEU A 637 14.82 -7.42 -15.37
N VAL A 638 16.09 -7.85 -15.27
CA VAL A 638 16.45 -9.21 -14.88
C VAL A 638 17.18 -9.19 -13.55
N GLY A 639 17.12 -10.30 -12.82
CA GLY A 639 17.81 -10.43 -11.56
C GLY A 639 18.18 -11.87 -11.28
N LEU A 640 19.29 -12.05 -10.58
CA LEU A 640 19.85 -13.37 -10.29
C LEU A 640 20.35 -13.40 -8.86
N PHE A 641 20.36 -14.57 -8.25
CA PHE A 641 20.88 -14.69 -6.90
C PHE A 641 21.25 -16.13 -6.60
N THR A 642 22.25 -16.29 -5.75
CA THR A 642 22.65 -17.61 -5.27
C THR A 642 22.99 -17.54 -3.78
N GLY A 643 23.19 -18.70 -3.18
CA GLY A 643 23.53 -18.71 -1.76
C GLY A 643 23.65 -20.13 -1.24
N TYR A 644 23.99 -20.21 0.05
CA TYR A 644 24.13 -21.48 0.75
C TYR A 644 23.47 -21.37 2.11
N LYS A 645 22.76 -22.43 2.49
CA LYS A 645 22.04 -22.51 3.75
C LYS A 645 22.64 -23.65 4.56
N TYR A 646 23.57 -23.32 5.46
CA TYR A 646 24.25 -24.31 6.30
C TYR A 646 23.52 -24.37 7.63
N ASN A 647 22.69 -25.39 7.82
CA ASN A 647 21.97 -25.60 9.08
C ASN A 647 22.49 -26.90 9.68
N TYR A 648 23.46 -26.78 10.59
CA TYR A 648 24.04 -27.89 11.33
C TYR A 648 23.52 -27.81 12.76
N HIS A 649 22.61 -28.72 13.10
CA HIS A 649 22.00 -28.78 14.44
C HIS A 649 21.37 -27.40 14.69
N ASN A 650 21.63 -26.75 15.83
CA ASN A 650 20.88 -25.54 16.18
C ASN A 650 21.19 -24.37 15.24
N LEU A 651 22.46 -24.17 14.91
CA LEU A 651 22.84 -23.01 14.11
C LEU A 651 22.35 -23.17 12.68
N THR A 652 21.82 -22.08 12.13
CA THR A 652 21.47 -22.00 10.71
C THR A 652 22.05 -20.70 10.16
N VAL A 653 23.11 -20.82 9.38
CA VAL A 653 23.77 -19.69 8.76
C VAL A 653 23.38 -19.67 7.28
N ASP A 654 22.70 -18.60 6.88
CA ASP A 654 22.27 -18.41 5.51
C ASP A 654 23.09 -17.29 4.89
N LEU A 655 23.62 -17.53 3.71
CA LEU A 655 24.45 -16.55 3.02
C LEU A 655 23.98 -16.45 1.58
N PHE A 656 23.91 -15.24 1.05
CA PHE A 656 23.41 -15.08 -0.31
C PHE A 656 23.94 -13.82 -0.97
N GLY A 657 24.04 -13.88 -2.30
CA GLY A 657 24.39 -12.74 -3.10
C GLY A 657 23.40 -12.57 -4.24
N ARG A 658 23.32 -11.31 -4.71
CA ARG A 658 22.27 -10.87 -5.62
C ARG A 658 22.79 -9.88 -6.64
N VAL A 659 22.45 -10.12 -7.90
CA VAL A 659 22.66 -9.20 -9.01
C VAL A 659 21.31 -8.72 -9.49
N ASP A 660 21.04 -7.43 -9.36
CA ASP A 660 19.80 -6.83 -9.80
C ASP A 660 20.06 -5.94 -11.01
N ASN A 661 19.18 -6.01 -12.00
CA ASN A 661 19.38 -5.33 -13.27
C ASN A 661 20.62 -5.87 -13.97
N LEU A 662 20.59 -7.18 -14.24
CA LEU A 662 21.79 -7.89 -14.69
C LEU A 662 22.37 -7.26 -15.95
N PHE A 663 21.52 -6.89 -16.91
CA PHE A 663 21.98 -6.37 -18.20
C PHE A 663 22.11 -4.85 -18.21
N ASP A 664 22.19 -4.22 -17.03
CA ASP A 664 22.48 -2.79 -16.89
C ASP A 664 21.53 -1.89 -17.67
N LYS A 665 20.30 -2.36 -17.92
CA LYS A 665 19.34 -1.57 -18.66
C LYS A 665 19.08 -0.26 -17.92
N GLU A 666 19.10 0.84 -18.67
CA GLU A 666 18.88 2.17 -18.12
C GLU A 666 17.39 2.52 -18.22
N TYR A 667 16.79 2.91 -17.10
CA TYR A 667 15.34 3.09 -17.07
C TYR A 667 14.92 4.05 -15.96
N VAL A 668 13.63 4.37 -15.98
CA VAL A 668 12.98 5.11 -14.91
C VAL A 668 11.85 4.24 -14.35
N GLY A 669 11.97 3.84 -13.08
CA GLY A 669 11.04 2.94 -12.44
C GLY A 669 9.96 3.58 -11.61
N SER A 670 9.87 4.90 -11.59
CA SER A 670 8.82 5.60 -10.87
C SER A 670 8.54 6.93 -11.57
N VAL A 671 7.32 7.41 -11.42
CA VAL A 671 6.92 8.71 -11.96
C VAL A 671 5.97 9.39 -10.99
N ILE A 672 6.14 10.70 -10.82
CA ILE A 672 5.27 11.52 -10.00
C ILE A 672 4.05 11.93 -10.82
N VAL A 673 2.98 11.13 -10.74
CA VAL A 673 1.82 11.36 -11.60
C VAL A 673 1.30 12.79 -11.44
N ASN A 674 1.15 13.49 -12.57
CA ASN A 674 0.54 14.81 -12.61
C ASN A 674 1.30 15.83 -11.79
N GLU A 675 2.62 15.67 -11.70
CA GLU A 675 3.48 16.69 -11.10
C GLU A 675 3.05 18.07 -11.57
N SER A 676 3.17 19.05 -10.67
CA SER A 676 2.65 20.38 -10.95
C SER A 676 3.38 21.04 -12.10
N ASN A 677 4.70 20.87 -12.15
CA ASN A 677 5.55 21.57 -13.10
C ASN A 677 6.17 20.64 -14.13
N GLY A 678 5.66 19.41 -14.24
CA GLY A 678 6.11 18.49 -15.28
C GLY A 678 7.35 17.69 -14.96
N ARG A 679 7.86 17.75 -13.73
CA ARG A 679 9.04 16.98 -13.32
C ARG A 679 8.58 15.61 -12.84
N TYR A 680 8.24 14.75 -13.80
CA TYR A 680 7.64 13.46 -13.48
C TYR A 680 8.65 12.34 -13.23
N TYR A 681 9.83 12.40 -13.85
CA TYR A 681 10.67 11.22 -13.98
C TYR A 681 11.54 10.99 -12.75
N GLU A 682 11.71 9.71 -12.39
CA GLU A 682 12.46 9.29 -11.21
C GLU A 682 13.37 8.14 -11.63
N PRO A 683 14.55 8.44 -12.17
CA PRO A 683 15.39 7.39 -12.77
C PRO A 683 15.83 6.34 -11.75
N SER A 684 16.23 5.18 -12.28
CA SER A 684 16.58 4.06 -11.42
C SER A 684 18.00 3.58 -11.73
N PRO A 685 18.69 3.01 -10.74
CA PRO A 685 20.10 2.64 -10.95
C PRO A 685 20.23 1.49 -11.94
N GLY A 686 21.48 1.19 -12.28
CA GLY A 686 21.80 0.17 -13.25
C GLY A 686 22.72 -0.90 -12.67
N ARG A 687 22.40 -2.16 -12.96
CA ARG A 687 23.14 -3.32 -12.47
C ARG A 687 23.73 -3.08 -11.08
N ASN A 688 22.89 -3.18 -10.06
CA ASN A 688 23.34 -3.09 -8.67
C ASN A 688 23.45 -4.49 -8.07
N TYR A 689 24.06 -4.57 -6.90
CA TYR A 689 24.29 -5.85 -6.25
C TYR A 689 23.92 -5.76 -4.77
N GLY A 690 23.83 -6.93 -4.15
CA GLY A 690 23.57 -7.02 -2.73
C GLY A 690 24.07 -8.34 -2.19
N VAL A 691 24.33 -8.37 -0.89
CA VAL A 691 24.77 -9.59 -0.22
C VAL A 691 24.22 -9.59 1.20
N GLY A 692 23.72 -10.73 1.63
CA GLY A 692 23.11 -10.86 2.93
C GLY A 692 23.59 -12.08 3.67
N MET A 693 23.58 -11.97 5.00
CA MET A 693 23.94 -13.06 5.89
C MET A 693 22.98 -13.06 7.07
N ASN A 694 22.38 -14.21 7.32
CA ASN A 694 21.43 -14.40 8.40
C ASN A 694 21.92 -15.52 9.29
N ILE A 695 21.73 -15.35 10.59
CA ILE A 695 22.10 -16.35 11.58
C ILE A 695 20.86 -16.64 12.40
N ALA A 696 20.57 -17.91 12.60
CA ALA A 696 19.45 -18.34 13.42
C ALA A 696 19.96 -19.34 14.44
N TRP A 697 19.69 -19.08 15.72
CA TRP A 697 20.00 -20.00 16.80
C TRP A 697 18.71 -20.38 17.51
N ARG A 698 18.47 -21.69 17.64
CA ARG A 698 17.25 -22.21 18.25
C ARG A 698 17.56 -22.70 19.66
N PHE A 699 16.66 -22.38 20.60
CA PHE A 699 16.87 -22.73 22.00
C PHE A 699 16.06 -23.96 22.42
#